data_8JS8
#
_entry.id   8JS8
#
_cell.length_a   1.00
_cell.length_b   1.00
_cell.length_c   1.00
_cell.angle_alpha   90.00
_cell.angle_beta   90.00
_cell.angle_gamma   90.00
#
_symmetry.space_group_name_H-M   'P 1'
#
loop_
_entity.id
_entity.type
_entity.pdbx_description
1 polymer 'Synaptic vesicle glycoprotein 2A'
2 polymer 'Botulinum neurotoxin'
3 branched 2-acetamido-2-deoxy-beta-D-glucopyranose-(1-4)-[alpha-L-fucopyranose-(1-6)]2-acetamido-2-deoxy-beta-D-glucopyranose
4 non-polymer 2-acetamido-2-deoxy-beta-D-glucopyranose
5 non-polymer (2S)-2-(2-oxidanylidenepyrrolidin-1-yl)butanamide
#
loop_
_entity_poly.entity_id
_entity_poly.type
_entity_poly.pdbx_seq_one_letter_code
_entity_poly.pdbx_strand_id
1 'polypeptide(L)'
;MDYKDDDDKEEGFRDRAAFIRGAKDIAKEVKKHAAKKVVKGLDRVQDEYSRRSYSRFEEEDDDDDFPAPSDGYYRGEGTQ
DEEEGGASSDATEGHDEDDEIYEGEYQGIPRAESGGKGERMADGAPLAGVRGGLSDGEGPPGGRGEAQRRKEREELAQQY
EAILRECGHGRFQWTLYFVLGLALMADGVEVFVVGFVLPSAEKDMCLSDSNKGMLGLIVYLGMMVGAFLWGGLADRLGRR
QCLLISLSVNSVFAFFSSFVQGYGTFLFCRLLSGVGIGGSIPIVFSYFSEFLAQEKRGEHLSWLCMFWMIGGVYAAAMAW
AIIPHYGWSFQMGSAYQFHSWRVFVLVCAFPSVFAIGALTTQPESPRFFLENGKHDEAWMVLKQVHDTNMRAKGHPERVF
SVTHIKTIHQEDELIEIQSDTGTWYQRWGVRALSLGGQVWGNFLSCFGPEYRRITLMMMGVWFTMSFSYYGLTVWFPDMI
RHLQAVDYASRTKVFPGERVEHVTFNFTLENQIHRGGQYFNDKFIGLRLKSVSFEDSLFEECYFEDVTSSNTFFRNCTFI
NTVFYNTDLFEYKFVNSRLINSTFLHNKEGCPLDVTGTGEGAYMVYFVSFLGTLAVLPGNIVSALLMDKIGRLRMLAGSS
VMSCVSCFFLSFGNSESAMIALLCLFGGVSIASWNALDVLTVELYPSDKRTTAFGFLNALCKLAAVLGISIFTSFVGITK
AAPILFASAALALGSSLALKLPETRGQVLQ
;
A
2 'polypeptide(L)'
;KNIVNTSILSIVYKKDDLIDLSRYGAKINIGDRVYYDSIDKNQIKLINLESSTIEVILKNAIVYNSMYENFSTSFWIKIP
KYFSKINLNNEYTIINCIENNSGWKVSLNYGEIIWTLQDNKQNIQRVVFKYSQMVNISDYINRWIFVTITNNRLTKSKIY
INGRLIDQKPISNLGNIHASNKIMFKLDGCRDPRRYIMIKYFNLFDKELNEKEIKDLYDSQSNSGILKDFWGNYLQYDKP
YYMLNLFDPNKYVDVNNIGIRGYMYLKGPRGSVVTTNIYLNSTLYEGTKFIIKKYASGNEDNIVRNNDRVYINVVVKNKE
YRLATNASQAGVEKILSALEIPDVGNLSQVVVMKSKDDQGIRNKCKMNLQDNNGNDIGFIGFHLYDNIAKLVASNWYNRQ
VGKASRTFGCSWEFIPVDDGWGESSL
;
B
#
loop_
_chem_comp.id
_chem_comp.type
_chem_comp.name
_chem_comp.formula
FUC L-saccharide, alpha linking alpha-L-fucopyranose 'C6 H12 O5'
NAG D-saccharide, beta linking 2-acetamido-2-deoxy-beta-D-glucopyranose 'C8 H15 N O6'
UKX non-polymer (2S)-2-(2-oxidanylidenepyrrolidin-1-yl)butanamide 'C8 H14 N2 O2'
#
# COMPACT_ATOMS: atom_id res chain seq x y z
N GLY A 145 -14.74 -3.88 -63.49
CA GLY A 145 -13.96 -3.15 -62.51
C GLY A 145 -13.11 -4.05 -61.62
N GLU A 146 -13.76 -5.02 -60.99
CA GLU A 146 -13.03 -5.96 -60.13
C GLU A 146 -12.06 -6.80 -60.94
N ALA A 147 -12.47 -7.22 -62.14
CA ALA A 147 -11.62 -8.08 -62.96
C ALA A 147 -10.33 -7.37 -63.36
N GLN A 148 -10.43 -6.10 -63.75
CA GLN A 148 -9.24 -5.34 -64.13
C GLN A 148 -8.26 -5.20 -62.97
N ARG A 149 -8.78 -4.91 -61.78
CA ARG A 149 -7.93 -4.71 -60.60
C ARG A 149 -7.30 -6.04 -60.17
N ARG A 150 -8.05 -7.14 -60.30
CA ARG A 150 -7.50 -8.46 -60.03
C ARG A 150 -6.38 -8.80 -61.02
N LYS A 151 -6.59 -8.50 -62.31
CA LYS A 151 -5.55 -8.75 -63.30
C LYS A 151 -4.31 -7.92 -63.02
N GLU A 152 -4.50 -6.66 -62.60
CA GLU A 152 -3.37 -5.80 -62.28
C GLU A 152 -2.57 -6.36 -61.11
N ARG A 153 -3.26 -6.80 -60.05
CA ARG A 153 -2.55 -7.42 -58.93
C ARG A 153 -1.83 -8.69 -59.36
N GLU A 154 -2.46 -9.52 -60.20
CA GLU A 154 -1.82 -10.76 -60.61
C GLU A 154 -0.56 -10.50 -61.42
N GLU A 155 -0.63 -9.58 -62.38
CA GLU A 155 0.54 -9.29 -63.20
C GLU A 155 1.64 -8.63 -62.37
N LEU A 156 1.25 -7.74 -61.44
CA LEU A 156 2.23 -7.13 -60.55
C LEU A 156 2.93 -8.18 -59.70
N ALA A 157 2.17 -9.13 -59.16
CA ALA A 157 2.76 -10.20 -58.35
C ALA A 157 3.70 -11.06 -59.19
N GLN A 158 3.30 -11.39 -60.42
CA GLN A 158 4.14 -12.22 -61.27
C GLN A 158 5.43 -11.50 -61.64
N GLN A 159 5.35 -10.22 -62.00
CA GLN A 159 6.57 -9.48 -62.31
C GLN A 159 7.46 -9.30 -61.08
N TYR A 160 6.86 -9.09 -59.91
CA TYR A 160 7.63 -9.00 -58.68
C TYR A 160 8.36 -10.30 -58.40
N GLU A 161 7.68 -11.43 -58.60
CA GLU A 161 8.33 -12.73 -58.42
C GLU A 161 9.46 -12.92 -59.42
N ALA A 162 9.26 -12.50 -60.66
CA ALA A 162 10.34 -12.60 -61.65
C ALA A 162 11.53 -11.75 -61.25
N ILE A 163 11.28 -10.52 -60.78
CA ILE A 163 12.37 -9.65 -60.35
C ILE A 163 13.12 -10.25 -59.17
N LEU A 164 12.38 -10.81 -58.20
CA LEU A 164 13.03 -11.43 -57.05
C LEU A 164 13.84 -12.65 -57.46
N ARG A 165 13.34 -13.45 -58.41
CA ARG A 165 14.12 -14.57 -58.91
C ARG A 165 15.40 -14.08 -59.59
N GLU A 166 15.30 -12.99 -60.35
CA GLU A 166 16.48 -12.44 -61.01
C GLU A 166 17.50 -11.96 -59.98
N CYS A 167 17.03 -11.28 -58.92
CA CYS A 167 17.93 -10.79 -57.89
C CYS A 167 18.60 -11.94 -57.14
N GLY A 168 17.82 -12.96 -56.80
CA GLY A 168 18.34 -14.14 -56.15
C GLY A 168 18.54 -13.96 -54.64
N HIS A 169 18.78 -15.09 -53.98
CA HIS A 169 19.04 -15.11 -52.55
C HIS A 169 20.52 -14.89 -52.28
N GLY A 170 20.81 -14.14 -51.21
CA GLY A 170 22.18 -13.85 -50.87
C GLY A 170 22.38 -13.03 -49.61
N ARG A 171 23.36 -12.12 -49.64
CA ARG A 171 23.78 -11.42 -48.43
C ARG A 171 22.71 -10.47 -47.93
N PHE A 172 21.97 -9.82 -48.84
CA PHE A 172 20.94 -8.88 -48.41
C PHE A 172 19.86 -9.57 -47.60
N GLN A 173 19.42 -10.75 -48.05
CA GLN A 173 18.38 -11.47 -47.33
C GLN A 173 18.85 -11.88 -45.94
N TRP A 174 20.11 -12.33 -45.83
CA TRP A 174 20.61 -12.75 -44.52
C TRP A 174 20.82 -11.56 -43.59
N THR A 175 21.24 -10.41 -44.12
CA THR A 175 21.37 -9.21 -43.30
C THR A 175 20.01 -8.77 -42.75
N LEU A 176 19.01 -8.71 -43.64
CA LEU A 176 17.66 -8.39 -43.18
C LEU A 176 17.14 -9.44 -42.21
N TYR A 177 17.53 -10.70 -42.42
CA TYR A 177 17.12 -11.78 -41.53
C TYR A 177 17.67 -11.56 -40.14
N PHE A 178 18.93 -11.17 -40.02
CA PHE A 178 19.51 -10.92 -38.69
C PHE A 178 18.88 -9.68 -38.05
N VAL A 179 18.61 -8.64 -38.83
CA VAL A 179 18.02 -7.43 -38.27
C VAL A 179 16.62 -7.72 -37.73
N LEU A 180 15.77 -8.35 -38.54
CA LEU A 180 14.45 -8.72 -38.09
C LEU A 180 14.49 -9.78 -37.01
N GLY A 181 15.56 -10.58 -36.96
CA GLY A 181 15.72 -11.52 -35.86
C GLY A 181 15.96 -10.82 -34.54
N LEU A 182 16.75 -9.74 -34.55
CA LEU A 182 16.88 -8.93 -33.35
C LEU A 182 15.53 -8.32 -32.97
N ALA A 183 14.78 -7.85 -33.97
CA ALA A 183 13.45 -7.30 -33.70
C ALA A 183 12.52 -8.32 -33.07
N LEU A 184 12.60 -9.58 -33.48
CA LEU A 184 11.82 -10.66 -32.89
C LEU A 184 12.36 -11.13 -31.55
N MET A 185 13.67 -11.06 -31.36
CA MET A 185 14.29 -11.37 -30.08
C MET A 185 13.81 -10.43 -28.99
N ALA A 186 13.58 -9.16 -29.35
CA ALA A 186 13.01 -8.23 -28.39
C ALA A 186 11.65 -8.71 -27.88
N ASP A 187 10.79 -9.15 -28.80
CA ASP A 187 9.48 -9.68 -28.41
C ASP A 187 9.63 -10.95 -27.57
N GLY A 188 10.56 -11.82 -27.95
CA GLY A 188 10.77 -13.04 -27.19
C GLY A 188 11.24 -12.75 -25.77
N VAL A 189 12.05 -11.71 -25.59
CA VAL A 189 12.53 -11.33 -24.27
C VAL A 189 11.39 -10.73 -23.45
N GLU A 190 10.54 -9.92 -24.07
CA GLU A 190 9.57 -9.12 -23.33
C GLU A 190 8.62 -9.96 -22.46
N VAL A 191 8.35 -11.21 -22.84
CA VAL A 191 7.31 -11.98 -22.15
C VAL A 191 7.75 -12.58 -20.83
N PHE A 192 9.05 -12.49 -20.49
CA PHE A 192 9.56 -13.10 -19.27
C PHE A 192 9.80 -12.12 -18.13
N VAL A 193 9.78 -10.81 -18.41
CA VAL A 193 10.30 -9.83 -17.47
C VAL A 193 9.47 -9.79 -16.19
N VAL A 194 8.15 -9.66 -16.34
CA VAL A 194 7.29 -9.54 -15.16
C VAL A 194 7.30 -10.83 -14.37
N GLY A 195 7.24 -11.96 -15.06
CA GLY A 195 7.30 -13.24 -14.37
C GLY A 195 8.58 -13.44 -13.59
N PHE A 196 9.70 -12.92 -14.11
CA PHE A 196 10.97 -13.07 -13.40
C PHE A 196 11.13 -12.07 -12.27
N VAL A 197 10.51 -10.89 -12.35
CA VAL A 197 10.69 -9.87 -11.34
C VAL A 197 9.60 -9.86 -10.29
N LEU A 198 8.52 -10.61 -10.47
CA LEU A 198 7.42 -10.60 -9.51
C LEU A 198 7.83 -11.01 -8.09
N PRO A 199 8.65 -12.06 -7.90
CA PRO A 199 9.03 -12.43 -6.52
C PRO A 199 9.72 -11.31 -5.74
N SER A 200 10.48 -10.45 -6.41
CA SER A 200 11.09 -9.32 -5.73
C SER A 200 10.19 -8.09 -5.72
N ALA A 201 9.40 -7.90 -6.79
CA ALA A 201 8.55 -6.72 -6.87
C ALA A 201 7.38 -6.81 -5.88
N GLU A 202 7.02 -8.01 -5.43
CA GLU A 202 5.95 -8.11 -4.44
C GLU A 202 6.39 -7.55 -3.10
N LYS A 203 7.64 -7.82 -2.69
CA LYS A 203 8.14 -7.28 -1.43
C LYS A 203 8.59 -5.82 -1.59
N ASP A 204 9.13 -5.47 -2.76
CA ASP A 204 9.64 -4.12 -2.96
C ASP A 204 8.54 -3.11 -3.25
N MET A 205 7.30 -3.56 -3.41
CA MET A 205 6.19 -2.67 -3.76
C MET A 205 4.93 -2.97 -2.97
N CYS A 206 4.99 -3.88 -2.00
CA CYS A 206 3.84 -4.27 -1.18
C CYS A 206 2.68 -4.73 -2.05
N LEU A 207 2.99 -5.61 -3.00
CA LEU A 207 2.02 -6.11 -3.96
C LEU A 207 1.15 -7.17 -3.31
N SER A 208 -0.16 -6.99 -3.37
CA SER A 208 -1.11 -7.96 -2.82
C SER A 208 -1.66 -8.83 -3.94
N ASP A 209 -2.59 -9.72 -3.60
CA ASP A 209 -3.31 -10.45 -4.63
C ASP A 209 -4.25 -9.52 -5.37
N SER A 210 -4.67 -9.95 -6.56
CA SER A 210 -5.39 -9.16 -7.55
C SER A 210 -4.54 -8.03 -8.11
N ASN A 211 -3.30 -7.89 -7.68
CA ASN A 211 -2.33 -6.99 -8.28
C ASN A 211 -1.17 -7.71 -8.93
N LYS A 212 -0.74 -8.85 -8.40
CA LYS A 212 0.27 -9.66 -9.09
C LYS A 212 -0.29 -10.28 -10.36
N GLY A 213 -1.55 -10.72 -10.33
CA GLY A 213 -2.17 -11.27 -11.52
C GLY A 213 -2.33 -10.25 -12.64
N MET A 214 -2.74 -9.03 -12.29
CA MET A 214 -2.85 -7.97 -13.29
C MET A 214 -1.49 -7.62 -13.87
N LEU A 215 -0.45 -7.59 -13.04
CA LEU A 215 0.90 -7.37 -13.54
C LEU A 215 1.33 -8.49 -14.48
N GLY A 216 1.00 -9.74 -14.15
CA GLY A 216 1.34 -10.84 -15.03
C GLY A 216 0.61 -10.78 -16.35
N LEU A 217 -0.65 -10.32 -16.33
CA LEU A 217 -1.50 -10.32 -17.51
C LEU A 217 -1.41 -9.04 -18.34
N ILE A 218 -0.74 -8.00 -17.83
CA ILE A 218 -0.71 -6.72 -18.50
C ILE A 218 0.08 -6.74 -19.82
N VAL A 219 1.14 -7.56 -19.92
CA VAL A 219 1.92 -7.59 -21.14
C VAL A 219 1.12 -8.12 -22.31
N TYR A 220 0.21 -9.07 -22.06
CA TYR A 220 -0.64 -9.61 -23.11
C TYR A 220 -1.76 -8.66 -23.52
N LEU A 221 -2.32 -7.90 -22.58
CA LEU A 221 -3.29 -6.87 -22.95
C LEU A 221 -2.62 -5.79 -23.79
N GLY A 222 -1.44 -5.34 -23.38
CA GLY A 222 -0.70 -4.38 -24.18
C GLY A 222 -0.37 -4.92 -25.56
N MET A 223 0.06 -6.17 -25.63
CA MET A 223 0.36 -6.79 -26.92
C MET A 223 -0.88 -6.88 -27.79
N MET A 224 -2.03 -7.21 -27.19
CA MET A 224 -3.27 -7.29 -27.96
C MET A 224 -3.63 -5.95 -28.57
N VAL A 225 -3.49 -4.87 -27.80
CA VAL A 225 -3.76 -3.55 -28.36
C VAL A 225 -2.75 -3.20 -29.45
N GLY A 226 -1.46 -3.38 -29.15
CA GLY A 226 -0.42 -2.92 -30.05
C GLY A 226 -0.38 -3.69 -31.35
N ALA A 227 -0.61 -5.00 -31.31
CA ALA A 227 -0.58 -5.80 -32.52
C ALA A 227 -1.61 -5.30 -33.53
N PHE A 228 -2.85 -5.14 -33.07
CA PHE A 228 -3.89 -4.63 -33.97
C PHE A 228 -3.55 -3.22 -34.45
N LEU A 229 -3.12 -2.35 -33.56
CA LEU A 229 -2.87 -0.96 -33.95
C LEU A 229 -1.77 -0.87 -35.01
N TRP A 230 -0.61 -1.49 -34.74
CA TRP A 230 0.50 -1.40 -35.67
C TRP A 230 0.27 -2.21 -36.93
N GLY A 231 -0.45 -3.33 -36.86
CA GLY A 231 -0.79 -4.05 -38.07
C GLY A 231 -1.71 -3.24 -38.97
N GLY A 232 -2.66 -2.51 -38.38
CA GLY A 232 -3.48 -1.62 -39.19
C GLY A 232 -2.69 -0.47 -39.77
N LEU A 233 -1.76 0.09 -38.99
CA LEU A 233 -1.00 1.25 -39.46
C LEU A 233 0.09 0.89 -40.46
N ALA A 234 0.52 -0.37 -40.51
CA ALA A 234 1.64 -0.75 -41.37
C ALA A 234 1.28 -0.79 -42.84
N ASP A 235 0.01 -1.00 -43.19
CA ASP A 235 -0.40 -0.99 -44.57
C ASP A 235 -0.63 0.42 -45.12
N ARG A 236 -0.53 1.44 -44.28
CA ARG A 236 -0.69 2.82 -44.72
C ARG A 236 0.53 3.68 -44.46
N LEU A 237 1.41 3.27 -43.55
CA LEU A 237 2.62 4.03 -43.25
C LEU A 237 3.90 3.33 -43.68
N GLY A 238 3.89 2.01 -43.81
CA GLY A 238 5.07 1.27 -44.17
C GLY A 238 5.52 0.31 -43.09
N ARG A 239 6.08 -0.83 -43.46
CA ARG A 239 6.49 -1.83 -42.48
C ARG A 239 7.64 -1.31 -41.62
N ARG A 240 8.67 -0.75 -42.26
CA ARG A 240 9.84 -0.27 -41.52
C ARG A 240 9.49 0.92 -40.63
N GLN A 241 8.66 1.84 -41.12
CA GLN A 241 8.29 3.01 -40.34
C GLN A 241 7.52 2.61 -39.08
N CYS A 242 6.50 1.79 -39.22
CA CYS A 242 5.72 1.35 -38.07
C CYS A 242 6.53 0.47 -37.14
N LEU A 243 7.44 -0.34 -37.69
CA LEU A 243 8.32 -1.13 -36.84
C LEU A 243 9.23 -0.25 -36.00
N LEU A 244 9.81 0.79 -36.60
CA LEU A 244 10.64 1.72 -35.85
C LEU A 244 9.83 2.42 -34.76
N ILE A 245 8.63 2.88 -35.09
CA ILE A 245 7.81 3.59 -34.11
C ILE A 245 7.45 2.67 -32.94
N SER A 246 6.99 1.45 -33.24
CA SER A 246 6.57 0.53 -32.19
C SER A 246 7.76 0.10 -31.33
N LEU A 247 8.91 -0.20 -31.95
CA LEU A 247 10.07 -0.60 -31.19
C LEU A 247 10.57 0.55 -30.31
N SER A 248 10.52 1.79 -30.83
CA SER A 248 10.93 2.93 -30.02
C SER A 248 10.01 3.13 -28.83
N VAL A 249 8.69 2.98 -29.03
CA VAL A 249 7.75 3.09 -27.93
C VAL A 249 8.04 2.03 -26.88
N ASN A 250 8.26 0.79 -27.32
CA ASN A 250 8.58 -0.29 -26.39
C ASN A 250 9.84 0.02 -25.61
N SER A 251 10.89 0.48 -26.28
CA SER A 251 12.15 0.78 -25.61
C SER A 251 11.95 1.89 -24.58
N VAL A 252 11.24 2.95 -24.96
CA VAL A 252 11.07 4.09 -24.08
C VAL A 252 10.31 3.69 -22.82
N PHE A 253 9.21 2.95 -22.98
CA PHE A 253 8.42 2.62 -21.80
C PHE A 253 9.05 1.51 -20.98
N ALA A 254 9.83 0.61 -21.60
CA ALA A 254 10.56 -0.38 -20.82
C ALA A 254 11.67 0.28 -20.01
N PHE A 255 12.31 1.33 -20.57
CA PHE A 255 13.28 2.09 -19.80
C PHE A 255 12.61 2.85 -18.66
N PHE A 256 11.43 3.41 -18.92
CA PHE A 256 10.73 4.16 -17.89
C PHE A 256 10.30 3.25 -16.74
N SER A 257 9.82 2.04 -17.06
CA SER A 257 9.35 1.15 -16.02
C SER A 257 10.47 0.67 -15.09
N SER A 258 11.72 0.75 -15.54
CA SER A 258 12.82 0.23 -14.73
C SER A 258 13.11 1.11 -13.53
N PHE A 259 12.68 2.38 -13.57
CA PHE A 259 12.89 3.30 -12.45
C PHE A 259 11.60 3.64 -11.72
N VAL A 260 10.46 3.19 -12.21
CA VAL A 260 9.18 3.52 -11.59
C VAL A 260 9.07 2.85 -10.24
N GLN A 261 8.59 3.60 -9.24
CA GLN A 261 8.50 3.11 -7.87
C GLN A 261 7.12 2.61 -7.50
N GLY A 262 6.06 3.27 -8.00
CA GLY A 262 4.70 2.88 -7.66
C GLY A 262 4.22 1.67 -8.44
N TYR A 263 2.99 1.27 -8.15
CA TYR A 263 2.37 0.12 -8.79
C TYR A 263 1.53 0.50 -10.00
N GLY A 264 0.59 1.44 -9.85
CA GLY A 264 -0.20 1.86 -10.98
C GLY A 264 0.64 2.45 -12.09
N THR A 265 1.67 3.21 -11.73
CA THR A 265 2.58 3.73 -12.74
C THR A 265 3.37 2.61 -13.40
N PHE A 266 3.77 1.60 -12.63
CA PHE A 266 4.40 0.42 -13.21
C PHE A 266 3.45 -0.31 -14.15
N LEU A 267 2.18 -0.43 -13.76
CA LEU A 267 1.19 -1.06 -14.64
C LEU A 267 1.05 -0.29 -15.95
N PHE A 268 0.97 1.03 -15.86
CA PHE A 268 0.84 1.85 -17.08
C PHE A 268 2.07 1.71 -17.96
N CYS A 269 3.27 1.78 -17.37
CA CYS A 269 4.49 1.68 -18.16
C CYS A 269 4.61 0.32 -18.84
N ARG A 270 4.29 -0.75 -18.11
CA ARG A 270 4.34 -2.09 -18.70
C ARG A 270 3.27 -2.31 -19.75
N LEU A 271 2.08 -1.76 -19.56
CA LEU A 271 1.05 -1.84 -20.60
C LEU A 271 1.49 -1.12 -21.86
N LEU A 272 2.12 0.05 -21.72
CA LEU A 272 2.57 0.77 -22.90
C LEU A 272 3.74 0.06 -23.58
N SER A 273 4.63 -0.57 -22.79
CA SER A 273 5.69 -1.37 -23.39
C SER A 273 5.12 -2.56 -24.16
N GLY A 274 4.10 -3.19 -23.60
CA GLY A 274 3.43 -4.27 -24.32
C GLY A 274 2.78 -3.78 -25.60
N VAL A 275 2.19 -2.57 -25.57
CA VAL A 275 1.62 -1.98 -26.77
C VAL A 275 2.70 -1.76 -27.82
N GLY A 276 3.86 -1.26 -27.38
CA GLY A 276 4.95 -1.04 -28.31
C GLY A 276 5.47 -2.32 -28.94
N ILE A 277 5.57 -3.40 -28.15
CA ILE A 277 6.14 -4.64 -28.66
C ILE A 277 5.11 -5.56 -29.31
N GLY A 278 3.82 -5.25 -29.20
CA GLY A 278 2.81 -6.11 -29.79
C GLY A 278 2.89 -6.21 -31.30
N GLY A 279 3.31 -5.12 -31.95
CA GLY A 279 3.37 -5.07 -33.39
C GLY A 279 4.65 -5.61 -34.00
N SER A 280 5.48 -6.32 -33.23
CA SER A 280 6.74 -6.80 -33.74
C SER A 280 6.55 -7.97 -34.70
N ILE A 281 5.87 -9.03 -34.25
CA ILE A 281 5.78 -10.26 -35.06
C ILE A 281 5.09 -10.05 -36.40
N PRO A 282 3.89 -9.45 -36.46
CA PRO A 282 3.23 -9.30 -37.78
C PRO A 282 4.05 -8.50 -38.76
N ILE A 283 4.55 -7.33 -38.33
CA ILE A 283 5.32 -6.48 -39.23
C ILE A 283 6.60 -7.16 -39.65
N VAL A 284 7.29 -7.83 -38.72
CA VAL A 284 8.55 -8.47 -39.06
C VAL A 284 8.34 -9.57 -40.09
N PHE A 285 7.33 -10.42 -39.88
CA PHE A 285 7.11 -11.51 -40.82
C PHE A 285 6.65 -11.00 -42.19
N SER A 286 5.71 -10.05 -42.20
CA SER A 286 5.23 -9.51 -43.46
C SER A 286 6.30 -8.71 -44.20
N TYR A 287 7.26 -8.15 -43.47
CA TYR A 287 8.38 -7.40 -44.04
C TYR A 287 9.44 -8.33 -44.61
N PHE A 288 9.73 -9.43 -43.93
CA PHE A 288 10.72 -10.37 -44.46
C PHE A 288 10.16 -11.17 -45.63
N SER A 289 8.84 -11.40 -45.65
CA SER A 289 8.26 -12.20 -46.73
C SER A 289 8.43 -11.54 -48.09
N GLU A 290 8.39 -10.21 -48.14
CA GLU A 290 8.38 -9.48 -49.40
C GLU A 290 9.78 -9.33 -50.01
N PHE A 291 10.74 -10.14 -49.58
CA PHE A 291 12.07 -10.16 -50.18
C PHE A 291 12.51 -11.57 -50.58
N LEU A 292 11.57 -12.51 -50.63
CA LEU A 292 11.88 -13.92 -50.85
C LEU A 292 11.22 -14.41 -52.12
N ALA A 293 11.94 -15.22 -52.89
CA ALA A 293 11.35 -15.89 -54.05
C ALA A 293 10.55 -17.11 -53.59
N GLN A 294 9.73 -17.62 -54.51
CA GLN A 294 8.86 -18.75 -54.19
C GLN A 294 9.60 -20.07 -54.05
N GLU A 295 10.85 -20.15 -54.51
CA GLU A 295 11.57 -21.43 -54.47
C GLU A 295 11.77 -21.92 -53.04
N LYS A 296 12.18 -21.03 -52.14
CA LYS A 296 12.35 -21.36 -50.72
C LYS A 296 11.77 -20.19 -49.91
N ARG A 297 10.48 -20.26 -49.62
CA ARG A 297 9.82 -19.26 -48.80
C ARG A 297 9.47 -19.80 -47.41
N GLY A 298 9.03 -21.04 -47.33
CA GLY A 298 8.76 -21.64 -46.03
C GLY A 298 10.01 -21.84 -45.21
N GLU A 299 11.10 -22.29 -45.85
CA GLU A 299 12.35 -22.51 -45.14
C GLU A 299 12.93 -21.22 -44.61
N HIS A 300 13.02 -20.19 -45.45
CA HIS A 300 13.64 -18.93 -45.05
C HIS A 300 12.79 -18.18 -44.05
N LEU A 301 11.47 -18.33 -44.10
CA LEU A 301 10.61 -17.72 -43.09
C LEU A 301 10.65 -18.49 -41.78
N SER A 302 10.75 -19.83 -41.83
CA SER A 302 10.81 -20.61 -40.60
C SER A 302 12.17 -20.49 -39.92
N TRP A 303 13.21 -20.14 -40.67
CA TRP A 303 14.49 -19.84 -40.03
C TRP A 303 14.41 -18.60 -39.15
N LEU A 304 13.38 -17.77 -39.34
CA LEU A 304 13.23 -16.52 -38.61
C LEU A 304 12.70 -16.71 -37.19
N CYS A 305 12.26 -17.91 -36.84
CA CYS A 305 11.70 -18.17 -35.51
C CYS A 305 12.75 -18.67 -34.51
N MET A 306 14.01 -18.78 -34.93
CA MET A 306 15.06 -19.14 -33.97
C MET A 306 15.34 -18.00 -33.00
N PHE A 307 15.11 -16.76 -33.44
CA PHE A 307 15.48 -15.62 -32.62
C PHE A 307 14.54 -15.42 -31.44
N TRP A 308 13.30 -15.89 -31.55
CA TRP A 308 12.40 -15.89 -30.40
C TRP A 308 12.92 -16.79 -29.28
N MET A 309 13.39 -17.99 -29.65
CA MET A 309 13.99 -18.89 -28.67
C MET A 309 15.31 -18.31 -28.14
N ILE A 310 16.07 -17.65 -29.01
CA ILE A 310 17.30 -17.00 -28.57
C ILE A 310 16.99 -15.94 -27.54
N GLY A 311 15.94 -15.16 -27.77
CA GLY A 311 15.54 -14.15 -26.80
C GLY A 311 15.08 -14.74 -25.48
N GLY A 312 14.35 -15.87 -25.54
CA GLY A 312 13.98 -16.55 -24.31
C GLY A 312 15.19 -17.02 -23.52
N VAL A 313 16.17 -17.59 -24.21
CA VAL A 313 17.40 -18.03 -23.55
C VAL A 313 18.14 -16.84 -22.94
N TYR A 314 18.19 -15.72 -23.68
CA TYR A 314 18.83 -14.51 -23.17
C TYR A 314 18.15 -14.03 -21.90
N ALA A 315 16.81 -14.01 -21.89
CA ALA A 315 16.09 -13.58 -20.70
C ALA A 315 16.38 -14.48 -19.52
N ALA A 316 16.37 -15.80 -19.75
CA ALA A 316 16.65 -16.74 -18.67
C ALA A 316 18.06 -16.54 -18.11
N ALA A 317 19.06 -16.40 -19.00
CA ALA A 317 20.43 -16.22 -18.55
C ALA A 317 20.60 -14.91 -17.79
N MET A 318 20.00 -13.83 -18.27
CA MET A 318 20.11 -12.56 -17.58
C MET A 318 19.45 -12.62 -16.20
N ALA A 319 18.29 -13.27 -16.10
CA ALA A 319 17.65 -13.43 -14.80
C ALA A 319 18.52 -14.24 -13.86
N TRP A 320 19.15 -15.31 -14.36
CA TRP A 320 20.02 -16.11 -13.51
C TRP A 320 21.25 -15.34 -13.07
N ALA A 321 21.76 -14.46 -13.91
CA ALA A 321 23.01 -13.77 -13.62
C ALA A 321 22.84 -12.45 -12.88
N ILE A 322 21.64 -11.89 -12.79
CA ILE A 322 21.42 -10.58 -12.21
C ILE A 322 20.55 -10.65 -10.96
N ILE A 323 19.38 -11.28 -11.06
CA ILE A 323 18.40 -11.23 -9.96
C ILE A 323 18.93 -11.78 -8.65
N PRO A 324 19.63 -12.95 -8.61
CA PRO A 324 20.00 -13.54 -7.31
C PRO A 324 20.84 -12.64 -6.40
N HIS A 325 21.46 -11.60 -6.95
CA HIS A 325 22.26 -10.67 -6.14
C HIS A 325 21.32 -9.68 -5.46
N TYR A 326 20.69 -10.13 -4.37
CA TYR A 326 19.82 -9.26 -3.59
C TYR A 326 20.58 -8.24 -2.78
N GLY A 327 21.91 -8.40 -2.65
CA GLY A 327 22.68 -7.48 -1.84
C GLY A 327 22.73 -6.08 -2.44
N TRP A 328 22.63 -5.98 -3.76
CA TRP A 328 22.69 -4.69 -4.45
C TRP A 328 21.55 -3.78 -4.01
N SER A 329 21.89 -2.67 -3.36
CA SER A 329 20.92 -1.73 -2.78
C SER A 329 21.31 -0.30 -3.12
N PHE A 330 21.56 -0.04 -4.41
CA PHE A 330 21.96 1.30 -4.84
C PHE A 330 20.92 2.33 -4.44
N GLN A 331 21.40 3.45 -3.88
CA GLN A 331 20.54 4.46 -3.29
C GLN A 331 20.68 5.76 -4.08
N MET A 332 19.61 6.14 -4.79
CA MET A 332 19.52 7.44 -5.44
C MET A 332 18.20 8.06 -5.00
N GLY A 333 18.26 8.94 -4.00
CA GLY A 333 17.06 9.46 -3.38
C GLY A 333 16.66 8.63 -2.18
N SER A 334 16.46 9.28 -1.03
CA SER A 334 16.23 8.54 0.21
C SER A 334 14.94 7.72 0.14
N ALA A 335 13.88 8.29 -0.45
CA ALA A 335 12.60 7.59 -0.49
C ALA A 335 12.57 6.46 -1.50
N TYR A 336 13.56 6.36 -2.37
CA TYR A 336 13.56 5.38 -3.45
C TYR A 336 14.70 4.39 -3.27
N GLN A 337 14.50 3.18 -3.78
CA GLN A 337 15.49 2.11 -3.70
C GLN A 337 15.64 1.45 -5.06
N PHE A 338 16.88 1.09 -5.40
CA PHE A 338 17.22 0.50 -6.69
C PHE A 338 17.77 -0.91 -6.44
N HIS A 339 16.97 -1.92 -6.76
CA HIS A 339 17.33 -3.30 -6.52
C HIS A 339 17.81 -3.95 -7.82
N SER A 340 18.09 -5.27 -7.76
CA SER A 340 18.67 -5.97 -8.90
C SER A 340 17.66 -6.26 -10.00
N TRP A 341 16.38 -6.44 -9.64
CA TRP A 341 15.38 -6.73 -10.67
C TRP A 341 15.18 -5.55 -11.61
N ARG A 342 15.41 -4.32 -11.13
CA ARG A 342 15.37 -3.17 -12.02
C ARG A 342 16.52 -3.21 -13.02
N VAL A 343 17.70 -3.64 -12.58
CA VAL A 343 18.82 -3.84 -13.50
C VAL A 343 18.47 -4.91 -14.53
N PHE A 344 17.79 -5.97 -14.08
CA PHE A 344 17.33 -6.99 -15.01
C PHE A 344 16.37 -6.41 -16.04
N VAL A 345 15.48 -5.52 -15.59
CA VAL A 345 14.55 -4.87 -16.51
C VAL A 345 15.31 -4.04 -17.55
N LEU A 346 16.34 -3.31 -17.11
CA LEU A 346 17.16 -2.55 -18.06
C LEU A 346 17.81 -3.46 -19.09
N VAL A 347 18.42 -4.56 -18.62
CA VAL A 347 19.12 -5.45 -19.54
C VAL A 347 18.14 -6.12 -20.49
N CYS A 348 16.89 -6.33 -20.05
CA CYS A 348 15.87 -6.88 -20.94
C CYS A 348 15.32 -5.84 -21.90
N ALA A 349 15.43 -4.55 -21.55
CA ALA A 349 15.01 -3.50 -22.47
C ALA A 349 16.06 -3.22 -23.53
N PHE A 350 17.31 -3.61 -23.28
CA PHE A 350 18.39 -3.39 -24.24
C PHE A 350 18.13 -3.93 -25.65
N PRO A 351 17.68 -5.19 -25.85
CA PRO A 351 17.60 -5.72 -27.22
C PRO A 351 16.65 -4.98 -28.14
N SER A 352 15.61 -4.34 -27.60
CA SER A 352 14.75 -3.52 -28.46
C SER A 352 15.51 -2.33 -29.03
N VAL A 353 16.34 -1.69 -28.21
CA VAL A 353 17.18 -0.59 -28.69
C VAL A 353 18.16 -1.10 -29.75
N PHE A 354 18.76 -2.27 -29.50
CA PHE A 354 19.63 -2.84 -30.51
C PHE A 354 18.89 -3.12 -31.82
N ALA A 355 17.64 -3.59 -31.72
CA ALA A 355 16.84 -3.85 -32.91
C ALA A 355 16.56 -2.57 -33.69
N ILE A 356 16.25 -1.48 -32.98
CA ILE A 356 16.04 -0.20 -33.64
C ILE A 356 17.31 0.24 -34.37
N GLY A 357 18.46 0.13 -33.68
CA GLY A 357 19.71 0.51 -34.30
C GLY A 357 20.02 -0.30 -35.56
N ALA A 358 19.74 -1.60 -35.51
CA ALA A 358 19.97 -2.44 -36.68
C ALA A 358 18.99 -2.10 -37.80
N LEU A 359 17.73 -1.83 -37.45
CA LEU A 359 16.70 -1.63 -38.48
C LEU A 359 16.86 -0.28 -39.17
N THR A 360 17.51 0.69 -38.52
CA THR A 360 17.67 1.99 -39.17
C THR A 360 18.45 1.91 -40.47
N THR A 361 19.21 0.84 -40.69
CA THR A 361 20.06 0.71 -41.87
C THR A 361 19.45 -0.15 -42.97
N GLN A 362 18.17 -0.51 -42.87
CA GLN A 362 17.52 -1.34 -43.87
C GLN A 362 16.50 -0.53 -44.67
N PRO A 363 16.28 -0.88 -45.93
CA PRO A 363 15.32 -0.15 -46.75
C PRO A 363 13.91 -0.69 -46.65
N GLU A 364 12.96 0.16 -47.01
CA GLU A 364 11.56 -0.22 -47.03
C GLU A 364 11.33 -1.32 -48.07
N SER A 365 10.32 -2.14 -47.83
CA SER A 365 9.99 -3.22 -48.76
C SER A 365 9.46 -2.63 -50.06
N PRO A 366 9.95 -3.07 -51.22
CA PRO A 366 9.47 -2.50 -52.49
C PRO A 366 8.00 -2.75 -52.74
N ARG A 367 7.44 -3.82 -52.19
CA ARG A 367 6.04 -4.16 -52.46
C ARG A 367 5.12 -3.09 -51.90
N PHE A 368 5.40 -2.59 -50.70
CA PHE A 368 4.58 -1.52 -50.13
C PHE A 368 4.67 -0.25 -50.98
N PHE A 369 5.87 0.04 -51.50
CA PHE A 369 6.00 1.18 -52.41
C PHE A 369 5.15 0.99 -53.66
N LEU A 370 5.17 -0.22 -54.22
CA LEU A 370 4.43 -0.47 -55.45
C LEU A 370 2.92 -0.40 -55.24
N GLU A 371 2.44 -0.92 -54.11
CA GLU A 371 1.00 -0.89 -53.85
C GLU A 371 0.49 0.54 -53.71
N ASN A 372 1.28 1.43 -53.13
CA ASN A 372 0.84 2.78 -52.81
C ASN A 372 1.10 3.76 -53.94
N GLY A 373 1.47 3.29 -55.13
CA GLY A 373 1.67 4.17 -56.26
C GLY A 373 3.02 4.84 -56.34
N LYS A 374 4.00 4.37 -55.58
CA LYS A 374 5.35 4.95 -55.57
C LYS A 374 6.29 3.98 -56.28
N HIS A 375 6.72 4.35 -57.49
CA HIS A 375 7.43 3.44 -58.37
C HIS A 375 8.95 3.63 -58.35
N ASP A 376 9.44 4.85 -58.17
CA ASP A 376 10.87 5.09 -58.29
C ASP A 376 11.65 4.43 -57.16
N GLU A 377 11.22 4.62 -55.92
CA GLU A 377 11.93 4.07 -54.78
C GLU A 377 11.79 2.55 -54.68
N ALA A 378 10.68 1.97 -55.13
CA ALA A 378 10.61 0.51 -55.20
C ALA A 378 11.66 -0.04 -56.16
N TRP A 379 11.82 0.60 -57.32
CA TRP A 379 12.86 0.21 -58.25
C TRP A 379 14.24 0.39 -57.63
N MET A 380 14.43 1.48 -56.89
CA MET A 380 15.72 1.71 -56.24
C MET A 380 16.05 0.61 -55.23
N VAL A 381 15.05 0.22 -54.42
CA VAL A 381 15.29 -0.81 -53.41
C VAL A 381 15.56 -2.16 -54.06
N LEU A 382 14.79 -2.51 -55.10
CA LEU A 382 15.04 -3.77 -55.80
C LEU A 382 16.42 -3.78 -56.45
N LYS A 383 16.83 -2.65 -57.03
CA LYS A 383 18.17 -2.55 -57.58
C LYS A 383 19.21 -2.75 -56.49
N GLN A 384 19.05 -2.06 -55.35
CA GLN A 384 20.01 -2.19 -54.25
C GLN A 384 20.14 -3.66 -53.81
N VAL A 385 19.02 -4.37 -53.73
CA VAL A 385 19.06 -5.79 -53.46
C VAL A 385 19.91 -6.50 -54.50
N HIS A 386 19.72 -6.13 -55.77
CA HIS A 386 20.47 -6.77 -56.86
C HIS A 386 21.98 -6.55 -56.70
N ASP A 387 22.41 -5.31 -56.52
CA ASP A 387 23.84 -5.05 -56.40
C ASP A 387 24.43 -5.72 -55.16
N THR A 388 23.71 -5.64 -54.03
CA THR A 388 24.23 -6.28 -52.82
C THR A 388 24.41 -7.78 -53.04
N ASN A 389 23.38 -8.44 -53.58
CA ASN A 389 23.43 -9.89 -53.76
C ASN A 389 24.56 -10.29 -54.71
N MET A 390 24.66 -9.63 -55.87
CA MET A 390 25.65 -10.04 -56.84
C MET A 390 27.06 -9.61 -56.47
N ARG A 391 27.22 -8.50 -55.74
CA ARG A 391 28.53 -8.14 -55.24
C ARG A 391 29.00 -9.14 -54.20
N ALA A 392 28.08 -9.64 -53.36
CA ALA A 392 28.44 -10.70 -52.43
C ALA A 392 28.76 -11.99 -53.16
N LYS A 393 28.05 -12.27 -54.26
CA LYS A 393 28.32 -13.49 -55.02
C LYS A 393 29.72 -13.50 -55.60
N GLY A 394 30.18 -12.35 -56.11
CA GLY A 394 31.50 -12.26 -56.71
C GLY A 394 31.47 -11.77 -58.14
N HIS A 395 30.31 -11.29 -58.59
CA HIS A 395 30.12 -10.77 -59.95
C HIS A 395 29.54 -9.36 -59.86
N PRO A 396 30.35 -8.38 -59.42
CA PRO A 396 29.88 -6.99 -59.29
C PRO A 396 29.95 -6.19 -60.58
N GLU A 397 29.49 -6.78 -61.68
CA GLU A 397 29.54 -6.15 -62.98
C GLU A 397 28.24 -6.21 -63.77
N ARG A 398 27.32 -7.12 -63.46
CA ARG A 398 26.08 -7.22 -64.19
C ARG A 398 25.15 -6.06 -63.81
N VAL A 399 24.14 -5.84 -64.65
CA VAL A 399 23.28 -4.67 -64.55
C VAL A 399 21.85 -5.13 -64.25
N PHE A 400 21.17 -4.37 -63.40
CA PHE A 400 19.75 -4.61 -63.11
C PHE A 400 18.95 -4.40 -64.38
N SER A 401 18.47 -5.49 -64.98
CA SER A 401 17.85 -5.43 -66.29
C SER A 401 16.43 -4.87 -66.27
N VAL A 402 15.81 -4.79 -65.09
CA VAL A 402 14.43 -4.31 -64.99
C VAL A 402 14.41 -2.80 -65.13
N THR A 403 13.59 -2.31 -66.06
CA THR A 403 13.47 -0.87 -66.29
C THR A 403 12.16 -0.29 -65.79
N HIS A 404 11.03 -0.96 -66.03
CA HIS A 404 9.72 -0.50 -65.60
C HIS A 404 9.00 -1.60 -64.85
N ILE A 405 8.35 -1.23 -63.75
CA ILE A 405 7.57 -2.15 -62.93
C ILE A 405 6.14 -1.63 -62.87
N LYS A 406 5.17 -2.49 -63.17
CA LYS A 406 3.78 -2.06 -63.12
C LYS A 406 3.38 -1.73 -61.69
N THR A 407 2.59 -0.68 -61.54
CA THR A 407 2.26 -0.11 -60.24
C THR A 407 0.74 0.03 -60.12
N ILE A 408 0.23 -0.28 -58.93
CA ILE A 408 -1.20 -0.13 -58.66
C ILE A 408 -1.58 1.34 -58.81
N HIS A 409 -2.54 1.62 -59.70
CA HIS A 409 -2.96 2.99 -59.93
C HIS A 409 -3.68 3.53 -58.69
N GLN A 410 -3.34 4.76 -58.31
CA GLN A 410 -3.92 5.41 -57.14
C GLN A 410 -4.98 6.40 -57.60
N GLU A 411 -6.17 6.30 -56.99
CA GLU A 411 -7.28 7.16 -57.36
C GLU A 411 -7.50 8.25 -56.32
N GLN A 426 -6.59 21.29 -37.31
CA GLN A 426 -7.62 20.84 -38.23
C GLN A 426 -7.04 19.86 -39.25
N ARG A 427 -5.87 20.21 -39.79
CA ARG A 427 -5.20 19.33 -40.75
C ARG A 427 -4.81 18.00 -40.10
N TRP A 428 -4.30 18.06 -38.87
CA TRP A 428 -3.95 16.84 -38.16
C TRP A 428 -5.18 15.96 -37.92
N GLY A 429 -6.30 16.58 -37.56
CA GLY A 429 -7.52 15.82 -37.38
C GLY A 429 -8.00 15.18 -38.67
N VAL A 430 -7.90 15.92 -39.78
CA VAL A 430 -8.31 15.37 -41.07
C VAL A 430 -7.42 14.19 -41.44
N ARG A 431 -6.11 14.31 -41.24
CA ARG A 431 -5.20 13.21 -41.54
C ARG A 431 -5.49 12.00 -40.67
N ALA A 432 -5.75 12.23 -39.38
CA ALA A 432 -6.08 11.11 -38.48
C ALA A 432 -7.37 10.43 -38.90
N LEU A 433 -8.39 11.21 -39.26
CA LEU A 433 -9.65 10.63 -39.71
C LEU A 433 -9.46 9.82 -40.99
N SER A 434 -8.68 10.35 -41.94
CA SER A 434 -8.42 9.62 -43.17
C SER A 434 -7.69 8.31 -42.91
N LEU A 435 -6.67 8.34 -42.04
CA LEU A 435 -5.93 7.12 -41.72
C LEU A 435 -6.85 6.11 -41.03
N GLY A 436 -7.67 6.57 -40.09
CA GLY A 436 -8.58 5.65 -39.42
C GLY A 436 -9.60 5.04 -40.37
N GLY A 437 -10.15 5.85 -41.27
CA GLY A 437 -11.09 5.31 -42.24
C GLY A 437 -10.45 4.31 -43.18
N GLN A 438 -9.24 4.59 -43.65
CA GLN A 438 -8.54 3.66 -44.53
C GLN A 438 -8.21 2.36 -43.82
N VAL A 439 -7.77 2.44 -42.56
CA VAL A 439 -7.45 1.24 -41.80
C VAL A 439 -8.71 0.42 -41.55
N TRP A 440 -9.82 1.09 -41.24
CA TRP A 440 -11.10 0.38 -41.07
C TRP A 440 -11.52 -0.28 -42.38
N GLY A 441 -11.31 0.41 -43.50
CA GLY A 441 -11.63 -0.19 -44.79
C GLY A 441 -10.81 -1.44 -45.06
N ASN A 442 -9.51 -1.38 -44.74
CA ASN A 442 -8.67 -2.56 -44.88
C ASN A 442 -9.15 -3.70 -43.99
N PHE A 443 -9.50 -3.39 -42.75
CA PHE A 443 -9.96 -4.41 -41.81
C PHE A 443 -11.25 -5.05 -42.30
N LEU A 444 -12.20 -4.24 -42.79
CA LEU A 444 -13.45 -4.79 -43.30
C LEU A 444 -13.23 -5.59 -44.58
N SER A 445 -12.34 -5.13 -45.47
CA SER A 445 -12.03 -5.89 -46.67
C SER A 445 -11.32 -7.19 -46.35
N CYS A 446 -10.66 -7.28 -45.19
CA CYS A 446 -10.15 -8.57 -44.74
C CYS A 446 -11.29 -9.56 -44.54
N PHE A 447 -12.46 -9.07 -44.13
CA PHE A 447 -13.68 -9.86 -44.05
C PHE A 447 -14.53 -9.69 -45.31
N GLY A 448 -13.93 -9.92 -46.48
CA GLY A 448 -14.62 -9.73 -47.74
C GLY A 448 -15.12 -11.02 -48.33
N PRO A 449 -15.83 -10.94 -49.45
CA PRO A 449 -16.31 -12.16 -50.12
C PRO A 449 -15.18 -13.09 -50.54
N GLU A 450 -14.04 -12.56 -50.97
CA GLU A 450 -12.90 -13.39 -51.33
C GLU A 450 -12.27 -14.01 -50.10
N TYR A 451 -12.06 -13.22 -49.04
CA TYR A 451 -11.46 -13.70 -47.79
C TYR A 451 -12.53 -13.60 -46.69
N ARG A 452 -13.34 -14.64 -46.59
CA ARG A 452 -14.20 -14.78 -45.42
C ARG A 452 -14.10 -16.17 -44.81
N ARG A 453 -14.05 -17.21 -45.63
CA ARG A 453 -13.72 -18.54 -45.13
C ARG A 453 -12.31 -18.55 -44.56
N ILE A 454 -11.37 -17.94 -45.29
CA ILE A 454 -9.97 -17.93 -44.89
C ILE A 454 -9.81 -17.22 -43.55
N THR A 455 -10.45 -16.06 -43.40
CA THR A 455 -10.27 -15.26 -42.19
C THR A 455 -10.82 -15.97 -40.96
N LEU A 456 -12.02 -16.57 -41.08
CA LEU A 456 -12.59 -17.28 -39.94
C LEU A 456 -11.79 -18.55 -39.60
N MET A 457 -11.32 -19.28 -40.61
CA MET A 457 -10.50 -20.45 -40.31
C MET A 457 -9.18 -20.05 -39.64
N MET A 458 -8.56 -18.96 -40.11
CA MET A 458 -7.34 -18.47 -39.48
C MET A 458 -7.61 -18.02 -38.05
N MET A 459 -8.75 -17.34 -37.83
CA MET A 459 -9.13 -16.95 -36.48
C MET A 459 -9.24 -18.15 -35.56
N GLY A 460 -9.92 -19.20 -36.04
CA GLY A 460 -10.05 -20.39 -35.23
C GLY A 460 -8.72 -21.02 -34.89
N VAL A 461 -7.85 -21.18 -35.89
CA VAL A 461 -6.55 -21.83 -35.66
C VAL A 461 -5.72 -21.01 -34.68
N TRP A 462 -5.63 -19.69 -34.92
CA TRP A 462 -4.83 -18.82 -34.06
C TRP A 462 -5.35 -18.87 -32.63
N PHE A 463 -6.67 -18.70 -32.45
CA PHE A 463 -7.24 -18.66 -31.10
C PHE A 463 -7.01 -19.97 -30.38
N THR A 464 -7.28 -21.10 -31.03
CA THR A 464 -7.15 -22.38 -30.35
C THR A 464 -5.71 -22.67 -29.97
N MET A 465 -4.76 -22.47 -30.91
CA MET A 465 -3.38 -22.79 -30.59
C MET A 465 -2.83 -21.85 -29.52
N SER A 466 -3.15 -20.56 -29.60
CA SER A 466 -2.68 -19.62 -28.59
C SER A 466 -3.25 -19.97 -27.22
N PHE A 467 -4.55 -20.28 -27.16
CA PHE A 467 -5.18 -20.65 -25.89
C PHE A 467 -4.47 -21.85 -25.27
N SER A 468 -4.33 -22.94 -26.05
CA SER A 468 -3.72 -24.15 -25.50
C SER A 468 -2.27 -23.90 -25.08
N TYR A 469 -1.50 -23.26 -25.95
CA TYR A 469 -0.07 -23.08 -25.68
C TYR A 469 0.15 -22.23 -24.44
N TYR A 470 -0.51 -21.07 -24.37
CA TYR A 470 -0.27 -20.19 -23.23
C TYR A 470 -0.83 -20.78 -21.95
N GLY A 471 -1.97 -21.47 -22.02
CA GLY A 471 -2.49 -22.13 -20.84
C GLY A 471 -1.53 -23.15 -20.27
N LEU A 472 -0.99 -24.03 -21.12
CA LEU A 472 -0.06 -25.03 -20.62
C LEU A 472 1.26 -24.41 -20.17
N THR A 473 1.73 -23.40 -20.89
CA THR A 473 3.00 -22.76 -20.55
C THR A 473 2.92 -22.09 -19.20
N VAL A 474 1.78 -21.48 -18.86
CA VAL A 474 1.63 -20.94 -17.51
C VAL A 474 1.24 -22.00 -16.50
N TRP A 475 0.71 -23.14 -16.94
CA TRP A 475 0.28 -24.19 -16.04
C TRP A 475 1.45 -24.98 -15.47
N PHE A 476 2.48 -25.24 -16.28
CA PHE A 476 3.58 -26.07 -15.81
C PHE A 476 4.31 -25.49 -14.60
N PRO A 477 4.80 -24.24 -14.63
CA PRO A 477 5.47 -23.71 -13.43
C PRO A 477 4.55 -23.62 -12.23
N ASP A 478 3.27 -23.32 -12.44
CA ASP A 478 2.33 -23.27 -11.32
C ASP A 478 2.19 -24.62 -10.65
N MET A 479 2.13 -25.69 -11.44
CA MET A 479 2.07 -27.03 -10.86
C MET A 479 3.37 -27.42 -10.19
N ILE A 480 4.52 -27.00 -10.72
CA ILE A 480 5.78 -27.27 -10.04
C ILE A 480 5.80 -26.59 -8.67
N ARG A 481 5.34 -25.33 -8.62
CA ARG A 481 5.26 -24.62 -7.36
C ARG A 481 4.29 -25.29 -6.40
N HIS A 482 3.14 -25.76 -6.91
CA HIS A 482 2.18 -26.43 -6.05
C HIS A 482 2.74 -27.72 -5.47
N LEU A 483 3.46 -28.50 -6.29
CA LEU A 483 4.08 -29.72 -5.79
C LEU A 483 5.14 -29.41 -4.74
N GLN A 484 5.93 -28.36 -4.96
CA GLN A 484 6.92 -27.97 -3.96
C GLN A 484 6.24 -27.54 -2.66
N ALA A 485 5.14 -26.80 -2.76
CA ALA A 485 4.42 -26.38 -1.56
C ALA A 485 3.84 -27.56 -0.82
N VAL A 486 3.31 -28.55 -1.56
CA VAL A 486 2.77 -29.75 -0.91
C VAL A 486 3.88 -30.50 -0.19
N ASP A 487 5.04 -30.66 -0.82
CA ASP A 487 6.15 -31.34 -0.18
C ASP A 487 6.62 -30.58 1.06
N TYR A 488 6.63 -29.24 0.98
CA TYR A 488 6.99 -28.42 2.14
C TYR A 488 6.01 -28.62 3.28
N ALA A 489 4.70 -28.62 2.98
CA ALA A 489 3.70 -28.75 4.03
C ALA A 489 3.68 -30.17 4.61
N SER A 490 4.15 -31.15 3.85
CA SER A 490 4.21 -32.51 4.38
C SER A 490 5.27 -32.64 5.48
N ARG A 491 6.30 -31.79 5.42
CA ARG A 491 7.42 -31.87 6.36
C ARG A 491 7.21 -31.07 7.63
N THR A 492 6.05 -30.43 7.80
CA THR A 492 5.82 -29.57 8.95
C THR A 492 5.87 -30.38 10.24
N LYS A 493 6.60 -29.85 11.22
CA LYS A 493 6.69 -30.43 12.55
C LYS A 493 5.62 -29.83 13.45
N VAL A 494 5.15 -30.63 14.40
CA VAL A 494 4.09 -30.23 15.31
C VAL A 494 4.52 -30.56 16.74
N PHE A 495 4.41 -29.57 17.63
CA PHE A 495 4.65 -29.77 19.06
C PHE A 495 3.39 -29.40 19.83
N PRO A 496 2.57 -30.38 20.22
CA PRO A 496 1.35 -30.09 20.99
C PRO A 496 1.66 -29.96 22.47
N GLY A 497 1.59 -28.74 22.99
CA GLY A 497 1.71 -28.52 24.42
C GLY A 497 3.14 -28.40 24.91
N GLU A 498 3.45 -27.30 25.59
CA GLU A 498 4.76 -27.10 26.20
C GLU A 498 4.66 -25.96 27.22
N ARG A 499 5.15 -26.22 28.43
CA ARG A 499 5.09 -25.28 29.54
C ARG A 499 6.50 -24.74 29.78
N VAL A 500 6.67 -23.44 29.65
CA VAL A 500 7.99 -22.81 29.71
C VAL A 500 8.00 -21.74 30.80
N GLU A 501 9.06 -21.76 31.61
CA GLU A 501 9.29 -20.87 32.73
C GLU A 501 10.35 -19.85 32.34
N HIS A 502 10.80 -19.06 33.32
CA HIS A 502 11.72 -17.95 33.07
C HIS A 502 12.99 -18.40 32.36
N VAL A 503 13.13 -18.06 31.09
CA VAL A 503 14.35 -18.31 30.31
C VAL A 503 14.29 -17.54 29.01
N THR A 504 15.43 -17.03 28.55
CA THR A 504 15.52 -16.26 27.31
C THR A 504 15.48 -17.20 26.12
N PHE A 505 14.94 -16.71 25.00
CA PHE A 505 14.77 -17.51 23.78
C PHE A 505 15.50 -16.85 22.62
N ASN A 506 16.43 -17.60 22.02
CA ASN A 506 16.93 -17.33 20.68
C ASN A 506 16.75 -18.60 19.85
N PHE A 507 16.40 -18.42 18.57
CA PHE A 507 16.35 -19.53 17.62
C PHE A 507 15.96 -19.00 16.26
N THR A 508 16.05 -19.89 15.27
CA THR A 508 15.46 -19.69 13.95
C THR A 508 14.69 -20.96 13.60
N LEU A 509 13.36 -20.86 13.54
CA LEU A 509 12.50 -22.01 13.31
C LEU A 509 11.88 -21.92 11.93
N GLU A 510 11.81 -23.06 11.25
CA GLU A 510 11.25 -23.15 9.91
C GLU A 510 10.23 -24.27 9.87
N ASN A 511 9.02 -23.96 9.40
CA ASN A 511 7.98 -24.95 9.14
C ASN A 511 7.63 -25.73 10.42
N GLN A 512 7.15 -24.99 11.42
CA GLN A 512 6.79 -25.60 12.70
C GLN A 512 5.45 -25.06 13.18
N ILE A 513 4.72 -25.89 13.92
CA ILE A 513 3.47 -25.51 14.55
C ILE A 513 3.54 -25.91 16.02
N HIS A 514 3.49 -24.92 16.91
CA HIS A 514 3.46 -25.16 18.35
C HIS A 514 2.03 -24.92 18.84
N ARG A 515 1.43 -25.94 19.45
CA ARG A 515 0.04 -25.91 19.85
C ARG A 515 -0.09 -26.04 21.36
N GLY A 516 -1.00 -25.24 21.93
CA GLY A 516 -1.28 -25.32 23.35
C GLY A 516 -0.11 -24.96 24.25
N GLY A 517 0.73 -24.01 23.81
CA GLY A 517 1.86 -23.62 24.63
C GLY A 517 1.43 -22.72 25.78
N GLN A 518 2.23 -22.74 26.84
CA GLN A 518 2.03 -21.87 28.01
C GLN A 518 3.40 -21.36 28.43
N TYR A 519 3.70 -20.11 28.09
CA TYR A 519 4.97 -19.48 28.38
C TYR A 519 4.76 -18.39 29.41
N PHE A 520 5.47 -18.47 30.54
CA PHE A 520 5.33 -17.50 31.61
C PHE A 520 6.66 -16.77 31.77
N ASN A 521 6.63 -15.45 31.59
CA ASN A 521 7.80 -14.59 31.71
C ASN A 521 8.94 -15.15 30.85
N ASP A 522 8.71 -15.11 29.54
CA ASP A 522 9.69 -15.54 28.55
C ASP A 522 10.01 -14.38 27.63
N LYS A 523 11.30 -14.06 27.51
CA LYS A 523 11.75 -12.99 26.63
C LYS A 523 12.37 -13.59 25.39
N PHE A 524 11.80 -13.26 24.23
CA PHE A 524 12.22 -13.79 22.94
C PHE A 524 13.05 -12.71 22.26
N ILE A 525 14.36 -12.90 22.23
CA ILE A 525 15.29 -11.88 21.72
C ILE A 525 15.92 -12.39 20.42
N GLY A 526 15.78 -11.59 19.37
CA GLY A 526 16.48 -11.84 18.12
C GLY A 526 16.22 -13.18 17.49
N LEU A 527 14.99 -13.41 17.03
CA LEU A 527 14.63 -14.68 16.40
C LEU A 527 13.94 -14.42 15.06
N ARG A 528 14.18 -15.33 14.13
CA ARG A 528 13.60 -15.29 12.80
C ARG A 528 12.70 -16.52 12.63
N LEU A 529 11.44 -16.26 12.30
CA LEU A 529 10.44 -17.30 12.10
C LEU A 529 10.05 -17.38 10.63
N LYS A 530 10.05 -18.59 10.08
CA LYS A 530 9.63 -18.83 8.71
C LYS A 530 8.58 -19.93 8.74
N SER A 531 7.33 -19.56 8.45
CA SER A 531 6.21 -20.49 8.43
C SER A 531 6.08 -21.22 9.76
N VAL A 532 6.08 -20.45 10.85
CA VAL A 532 5.93 -20.97 12.21
C VAL A 532 4.61 -20.43 12.76
N SER A 533 3.78 -21.33 13.26
CA SER A 533 2.45 -20.97 13.75
C SER A 533 2.29 -21.39 15.20
N PHE A 534 1.85 -20.44 16.04
CA PHE A 534 1.50 -20.72 17.42
C PHE A 534 -0.01 -20.75 17.55
N GLU A 535 -0.54 -21.85 18.09
CA GLU A 535 -1.97 -22.07 18.17
C GLU A 535 -2.37 -22.43 19.59
N ASP A 536 -3.47 -21.84 20.05
CA ASP A 536 -4.04 -22.14 21.37
C ASP A 536 -3.03 -21.88 22.48
N SER A 537 -2.19 -20.87 22.30
CA SER A 537 -1.13 -20.57 23.24
C SER A 537 -1.54 -19.41 24.16
N LEU A 538 -0.86 -19.32 25.29
CA LEU A 538 -1.06 -18.25 26.26
C LEU A 538 0.29 -17.63 26.60
N PHE A 539 0.42 -16.33 26.37
CA PHE A 539 1.62 -15.59 26.69
C PHE A 539 1.32 -14.60 27.82
N GLU A 540 2.04 -14.72 28.92
CA GLU A 540 1.86 -13.86 30.08
C GLU A 540 3.19 -13.25 30.47
N GLU A 541 3.22 -11.92 30.58
CA GLU A 541 4.44 -11.18 30.94
C GLU A 541 5.59 -11.54 30.02
N CYS A 542 5.28 -11.70 28.73
CA CYS A 542 6.30 -12.04 27.76
C CYS A 542 6.97 -10.77 27.24
N TYR A 543 8.01 -10.96 26.42
CA TYR A 543 8.76 -9.83 25.88
C TYR A 543 9.36 -10.27 24.54
N PHE A 544 8.92 -9.64 23.47
CA PHE A 544 9.41 -9.95 22.12
C PHE A 544 10.27 -8.79 21.63
N GLU A 545 11.54 -9.08 21.35
CA GLU A 545 12.47 -8.07 20.87
C GLU A 545 13.23 -8.60 19.66
N ASP A 546 13.35 -7.78 18.63
CA ASP A 546 14.08 -8.12 17.41
C ASP A 546 13.54 -9.39 16.78
N VAL A 547 12.22 -9.47 16.68
CA VAL A 547 11.53 -10.62 16.09
C VAL A 547 11.24 -10.30 14.63
N THR A 548 11.73 -11.15 13.73
CA THR A 548 11.44 -11.03 12.31
C THR A 548 10.74 -12.31 11.85
N SER A 549 9.58 -12.15 11.21
CA SER A 549 8.74 -13.31 10.90
C SER A 549 8.16 -13.19 9.50
N SER A 550 8.08 -14.33 8.81
CA SER A 550 7.41 -14.45 7.52
C SER A 550 6.49 -15.65 7.58
N ASN A 551 5.23 -15.45 7.15
CA ASN A 551 4.22 -16.50 7.18
C ASN A 551 4.03 -17.06 8.59
N THR A 552 4.07 -16.16 9.57
CA THR A 552 3.92 -16.52 10.98
C THR A 552 2.65 -15.90 11.53
N PHE A 553 1.85 -16.72 12.22
CA PHE A 553 0.56 -16.28 12.72
C PHE A 553 0.37 -16.71 14.17
N PHE A 554 -0.39 -15.91 14.91
CA PHE A 554 -0.77 -16.18 16.29
C PHE A 554 -2.29 -16.28 16.31
N ARG A 555 -2.80 -17.51 16.32
CA ARG A 555 -4.24 -17.76 16.32
C ARG A 555 -4.66 -18.43 17.61
N ASN A 556 -5.83 -18.03 18.12
CA ASN A 556 -6.38 -18.59 19.36
C ASN A 556 -5.50 -18.28 20.56
N CYS A 557 -4.64 -17.27 20.43
CA CYS A 557 -3.66 -16.93 21.45
C CYS A 557 -4.17 -15.80 22.33
N THR A 558 -3.78 -15.87 23.60
CA THR A 558 -4.12 -14.85 24.58
C THR A 558 -2.83 -14.22 25.11
N PHE A 559 -2.73 -12.90 25.00
CA PHE A 559 -1.56 -12.15 25.46
C PHE A 559 -1.96 -11.27 26.63
N ILE A 560 -1.23 -11.38 27.73
CA ILE A 560 -1.48 -10.59 28.93
C ILE A 560 -0.17 -9.97 29.38
N ASN A 561 -0.15 -8.64 29.50
CA ASN A 561 0.99 -7.89 30.02
C ASN A 561 2.27 -8.18 29.24
N THR A 562 2.14 -8.33 27.92
CA THR A 562 3.27 -8.60 27.05
C THR A 562 3.64 -7.35 26.27
N VAL A 563 4.92 -7.25 25.92
CA VAL A 563 5.46 -6.10 25.20
C VAL A 563 6.10 -6.58 23.91
N PHE A 564 5.76 -5.93 22.81
CA PHE A 564 6.31 -6.25 21.49
C PHE A 564 7.23 -5.10 21.07
N TYR A 565 8.51 -5.24 21.37
CA TYR A 565 9.50 -4.20 21.12
C TYR A 565 10.31 -4.55 19.88
N ASN A 566 10.34 -3.61 18.92
CA ASN A 566 11.14 -3.78 17.70
C ASN A 566 10.79 -5.08 16.97
N THR A 567 9.50 -5.28 16.73
CA THR A 567 9.02 -6.48 16.07
C THR A 567 8.14 -6.08 14.89
N ASP A 568 8.12 -6.95 13.87
CA ASP A 568 7.27 -6.77 12.71
C ASP A 568 5.96 -7.54 12.83
N LEU A 569 5.57 -7.90 14.04
CA LEU A 569 4.33 -8.64 14.29
C LEU A 569 3.17 -7.66 14.22
N PHE A 570 2.67 -7.44 13.00
CA PHE A 570 1.58 -6.50 12.78
C PHE A 570 0.25 -7.13 13.16
N GLU A 571 -0.82 -6.35 13.04
CA GLU A 571 -2.14 -6.78 13.49
C GLU A 571 -2.72 -7.93 12.67
N TYR A 572 -2.30 -8.10 11.42
CA TYR A 572 -2.80 -9.21 10.61
C TYR A 572 -2.21 -10.55 11.02
N LYS A 573 -1.17 -10.57 11.85
CA LYS A 573 -0.59 -11.80 12.35
C LYS A 573 -1.25 -12.30 13.64
N PHE A 574 -2.20 -11.54 14.18
CA PHE A 574 -2.97 -11.95 15.36
C PHE A 574 -4.40 -12.17 14.89
N VAL A 575 -4.69 -13.38 14.43
CA VAL A 575 -6.01 -13.73 13.91
C VAL A 575 -6.80 -14.41 15.03
N ASN A 576 -7.95 -13.84 15.38
CA ASN A 576 -8.81 -14.35 16.43
C ASN A 576 -8.04 -14.51 17.74
N SER A 577 -7.24 -13.50 18.06
CA SER A 577 -6.48 -13.46 19.30
C SER A 577 -7.03 -12.40 20.24
N ARG A 578 -6.69 -12.54 21.52
CA ARG A 578 -7.12 -11.61 22.56
C ARG A 578 -5.88 -11.07 23.26
N LEU A 579 -5.70 -9.76 23.22
CA LEU A 579 -4.59 -9.09 23.89
C LEU A 579 -5.12 -8.25 25.04
N ILE A 580 -4.52 -8.41 26.21
CA ILE A 580 -4.94 -7.68 27.41
C ILE A 580 -3.73 -6.95 27.97
N ASN A 581 -3.83 -5.63 28.09
CA ASN A 581 -2.78 -4.80 28.69
C ASN A 581 -1.44 -5.00 28.00
N SER A 582 -1.47 -5.12 26.68
CA SER A 582 -0.28 -5.35 25.88
C SER A 582 0.12 -4.07 25.16
N THR A 583 1.42 -3.91 24.95
CA THR A 583 1.98 -2.69 24.37
C THR A 583 2.84 -3.05 23.15
N PHE A 584 2.63 -2.31 22.07
CA PHE A 584 3.45 -2.41 20.86
C PHE A 584 4.32 -1.17 20.78
N LEU A 585 5.63 -1.36 20.74
CA LEU A 585 6.58 -0.26 20.75
C LEU A 585 7.60 -0.44 19.63
N HIS A 586 7.80 0.62 18.84
CA HIS A 586 8.83 0.67 17.80
C HIS A 586 8.66 -0.46 16.79
N ASN A 587 7.47 -0.51 16.20
CA ASN A 587 7.18 -1.54 15.21
C ASN A 587 8.04 -1.35 13.96
N LYS A 588 8.57 -2.44 13.44
CA LYS A 588 9.41 -2.38 12.25
C LYS A 588 8.58 -1.98 11.04
N GLU A 589 9.25 -1.35 10.07
CA GLU A 589 8.60 -0.96 8.83
C GLU A 589 8.30 -2.19 8.00
N GLY A 590 7.08 -2.28 7.48
CA GLY A 590 6.69 -3.43 6.70
C GLY A 590 5.37 -3.19 6.00
N CYS A 591 5.02 -4.14 5.15
CA CYS A 591 3.78 -4.06 4.39
C CYS A 591 2.57 -4.32 5.30
N PRO A 592 1.45 -3.65 5.04
CA PRO A 592 0.26 -3.86 5.86
C PRO A 592 -0.31 -5.27 5.79
N LEU A 593 -0.02 -6.03 4.74
CA LEU A 593 -0.54 -7.38 4.57
C LEU A 593 0.61 -8.32 4.22
N ASP A 594 0.29 -9.60 4.07
CA ASP A 594 1.29 -10.60 3.77
C ASP A 594 1.76 -10.50 2.33
N VAL A 595 3.05 -10.78 2.11
CA VAL A 595 3.65 -10.71 0.79
C VAL A 595 4.41 -11.97 0.40
N THR A 596 4.48 -12.96 1.30
CA THR A 596 5.19 -14.22 1.06
C THR A 596 6.68 -13.98 0.86
N GLY A 597 7.45 -15.06 0.71
CA GLY A 597 8.88 -14.94 0.53
C GLY A 597 9.47 -16.00 -0.39
N THR A 598 10.31 -15.57 -1.33
CA THR A 598 10.97 -16.48 -2.27
C THR A 598 12.48 -16.36 -2.07
N GLY A 599 13.14 -17.51 -1.91
CA GLY A 599 14.57 -17.51 -1.68
C GLY A 599 15.38 -18.16 -2.77
N GLU A 600 16.13 -19.21 -2.42
CA GLU A 600 16.98 -19.89 -3.39
C GLU A 600 16.18 -20.57 -4.49
N GLY A 601 14.94 -20.95 -4.21
CA GLY A 601 14.09 -21.62 -5.18
C GLY A 601 13.88 -20.89 -6.49
N ALA A 602 14.32 -19.63 -6.59
CA ALA A 602 14.26 -18.92 -7.86
C ALA A 602 15.23 -19.52 -8.87
N TYR A 603 16.41 -19.95 -8.43
CA TYR A 603 17.42 -20.48 -9.34
C TYR A 603 16.83 -21.53 -10.28
N MET A 604 16.29 -22.61 -9.72
CA MET A 604 15.72 -23.68 -10.53
C MET A 604 14.69 -23.14 -11.51
N VAL A 605 13.90 -22.14 -11.10
CA VAL A 605 12.90 -21.57 -11.98
C VAL A 605 13.55 -21.11 -13.28
N TYR A 606 14.61 -20.32 -13.16
CA TYR A 606 15.33 -19.88 -14.35
C TYR A 606 15.76 -21.09 -15.18
N PHE A 607 16.39 -22.06 -14.53
CA PHE A 607 16.80 -23.28 -15.23
C PHE A 607 15.62 -23.90 -15.96
N VAL A 608 14.48 -24.03 -15.27
CA VAL A 608 13.32 -24.63 -15.91
C VAL A 608 12.96 -23.85 -17.16
N SER A 609 12.88 -22.51 -17.04
CA SER A 609 12.58 -21.70 -18.21
C SER A 609 13.58 -21.98 -19.32
N PHE A 610 14.87 -21.97 -18.99
CA PHE A 610 15.89 -22.25 -19.98
C PHE A 610 15.60 -23.57 -20.67
N LEU A 611 15.33 -24.63 -19.89
CA LEU A 611 15.08 -25.94 -20.49
C LEU A 611 13.94 -25.86 -21.48
N GLY A 612 12.84 -25.20 -21.09
CA GLY A 612 11.71 -25.10 -22.00
C GLY A 612 12.11 -24.47 -23.31
N THR A 613 12.88 -23.38 -23.25
CA THR A 613 13.30 -22.72 -24.48
C THR A 613 14.18 -23.65 -25.31
N LEU A 614 15.08 -24.39 -24.64
CA LEU A 614 15.92 -25.33 -25.38
C LEU A 614 15.09 -26.40 -26.05
N ALA A 615 13.94 -26.76 -25.45
CA ALA A 615 13.09 -27.76 -26.07
C ALA A 615 12.64 -27.32 -27.45
N VAL A 616 12.54 -26.00 -27.67
CA VAL A 616 12.10 -25.48 -28.95
C VAL A 616 13.12 -25.77 -30.04
N LEU A 617 14.41 -25.83 -29.66
CA LEU A 617 15.52 -25.83 -30.61
C LEU A 617 15.43 -26.94 -31.66
N PRO A 618 15.19 -28.20 -31.30
CA PRO A 618 15.17 -29.24 -32.34
C PRO A 618 14.07 -29.05 -33.38
N GLY A 619 12.81 -28.94 -32.95
CA GLY A 619 11.72 -28.90 -33.90
C GLY A 619 11.87 -27.80 -34.93
N ASN A 620 12.23 -26.60 -34.47
CA ASN A 620 12.54 -25.50 -35.39
C ASN A 620 13.41 -25.98 -36.54
N ILE A 621 14.58 -26.53 -36.22
CA ILE A 621 15.47 -27.07 -37.25
C ILE A 621 14.69 -27.93 -38.22
N VAL A 622 14.01 -28.94 -37.68
CA VAL A 622 13.27 -29.87 -38.55
C VAL A 622 12.31 -29.11 -39.44
N SER A 623 11.53 -28.21 -38.85
CA SER A 623 10.57 -27.44 -39.65
C SER A 623 11.30 -26.66 -40.74
N ALA A 624 12.38 -25.96 -40.35
CA ALA A 624 13.11 -25.16 -41.33
C ALA A 624 13.72 -26.04 -42.41
N LEU A 625 14.01 -27.30 -42.08
CA LEU A 625 14.63 -28.18 -43.06
C LEU A 625 13.59 -28.94 -43.88
N LEU A 626 12.31 -28.82 -43.53
CA LEU A 626 11.28 -29.63 -44.17
C LEU A 626 10.11 -28.80 -44.70
N MET A 627 10.14 -27.48 -44.53
CA MET A 627 8.96 -26.66 -44.78
C MET A 627 8.50 -26.77 -46.23
N ASP A 628 9.44 -26.70 -47.17
CA ASP A 628 9.09 -26.77 -48.57
C ASP A 628 8.99 -28.22 -49.07
N LYS A 629 9.34 -29.20 -48.23
CA LYS A 629 9.36 -30.58 -48.70
C LYS A 629 8.00 -31.24 -48.53
N ILE A 630 7.34 -31.02 -47.40
CA ILE A 630 6.02 -31.59 -47.16
C ILE A 630 4.95 -30.53 -47.38
N GLY A 631 5.03 -29.43 -46.63
CA GLY A 631 4.06 -28.36 -46.79
C GLY A 631 3.65 -27.71 -45.49
N ARG A 632 2.99 -26.56 -45.59
CA ARG A 632 2.55 -25.83 -44.40
C ARG A 632 1.38 -26.55 -43.72
N LEU A 633 0.40 -26.99 -44.51
CA LEU A 633 -0.78 -27.64 -43.96
C LEU A 633 -0.40 -28.93 -43.24
N ARG A 634 0.41 -29.77 -43.90
CA ARG A 634 0.75 -31.07 -43.32
C ARG A 634 1.59 -30.90 -42.07
N MET A 635 2.56 -29.98 -42.08
CA MET A 635 3.36 -29.74 -40.89
C MET A 635 2.51 -29.19 -39.75
N LEU A 636 1.62 -28.24 -40.05
CA LEU A 636 0.74 -27.69 -39.03
C LEU A 636 -0.12 -28.78 -38.40
N ALA A 637 -0.75 -29.62 -39.22
CA ALA A 637 -1.62 -30.66 -38.69
C ALA A 637 -0.83 -31.71 -37.92
N GLY A 638 0.32 -32.13 -38.46
CA GLY A 638 1.09 -33.18 -37.82
C GLY A 638 1.78 -32.73 -36.55
N SER A 639 1.94 -31.42 -36.37
CA SER A 639 2.46 -30.93 -35.11
C SER A 639 1.34 -30.65 -34.11
N SER A 640 0.18 -30.20 -34.58
CA SER A 640 -0.96 -30.03 -33.67
C SER A 640 -1.44 -31.37 -33.10
N VAL A 641 -1.42 -32.42 -33.93
CA VAL A 641 -1.83 -33.74 -33.45
C VAL A 641 -0.88 -34.23 -32.36
N MET A 642 0.42 -34.06 -32.58
CA MET A 642 1.40 -34.44 -31.57
C MET A 642 1.25 -33.60 -30.31
N SER A 643 0.91 -32.31 -30.46
CA SER A 643 0.64 -31.49 -29.29
C SER A 643 -0.54 -32.02 -28.50
N CYS A 644 -1.60 -32.45 -29.20
CA CYS A 644 -2.76 -33.02 -28.52
C CYS A 644 -2.39 -34.32 -27.79
N VAL A 645 -1.57 -35.15 -28.43
CA VAL A 645 -1.13 -36.40 -27.79
C VAL A 645 -0.32 -36.10 -26.54
N SER A 646 0.59 -35.13 -26.62
CA SER A 646 1.38 -34.75 -25.45
C SER A 646 0.48 -34.16 -24.37
N CYS A 647 -0.58 -33.46 -24.76
CA CYS A 647 -1.54 -32.95 -23.79
C CYS A 647 -2.22 -34.09 -23.05
N PHE A 648 -2.62 -35.15 -23.78
CA PHE A 648 -3.18 -36.32 -23.11
C PHE A 648 -2.17 -36.98 -22.19
N PHE A 649 -0.90 -37.00 -22.59
CA PHE A 649 0.15 -37.61 -21.79
C PHE A 649 0.48 -36.83 -20.51
N LEU A 650 -0.30 -35.80 -20.18
CA LEU A 650 0.04 -34.97 -19.03
C LEU A 650 -0.21 -35.70 -17.71
N SER A 651 -1.15 -36.64 -17.69
CA SER A 651 -1.52 -37.31 -16.44
C SER A 651 -0.38 -38.15 -15.90
N PHE A 652 0.49 -38.65 -16.78
CA PHE A 652 1.58 -39.52 -16.34
C PHE A 652 2.74 -38.70 -15.78
N GLY A 653 2.44 -37.82 -14.83
CA GLY A 653 3.48 -37.06 -14.16
C GLY A 653 2.97 -36.33 -12.93
N ASN A 654 3.63 -36.55 -11.79
CA ASN A 654 3.24 -35.89 -10.55
C ASN A 654 4.41 -35.35 -9.75
N SER A 655 5.64 -35.51 -10.20
CA SER A 655 6.81 -34.94 -9.55
C SER A 655 7.37 -33.77 -10.37
N GLU A 656 8.33 -33.07 -9.78
CA GLU A 656 8.92 -31.92 -10.46
C GLU A 656 9.66 -32.33 -11.72
N SER A 657 10.41 -33.44 -11.66
CA SER A 657 11.13 -33.92 -12.84
C SER A 657 10.16 -34.30 -13.96
N ALA A 658 9.05 -34.96 -13.60
CA ALA A 658 8.05 -35.31 -14.60
C ALA A 658 7.45 -34.07 -15.24
N MET A 659 7.16 -33.04 -14.43
CA MET A 659 6.64 -31.80 -14.98
C MET A 659 7.64 -31.13 -15.92
N ILE A 660 8.93 -31.14 -15.55
CA ILE A 660 9.93 -30.55 -16.42
C ILE A 660 10.02 -31.31 -17.75
N ALA A 661 10.01 -32.63 -17.70
CA ALA A 661 10.07 -33.43 -18.92
C ALA A 661 8.84 -33.20 -19.79
N LEU A 662 7.67 -33.11 -19.18
CA LEU A 662 6.44 -32.87 -19.93
C LEU A 662 6.45 -31.49 -20.58
N LEU A 663 6.92 -30.49 -19.85
CA LEU A 663 7.07 -29.15 -20.41
C LEU A 663 8.00 -29.15 -21.60
N CYS A 664 9.14 -29.85 -21.47
CA CYS A 664 10.08 -29.93 -22.59
C CYS A 664 9.45 -30.60 -23.79
N LEU A 665 8.70 -31.69 -23.56
CA LEU A 665 8.07 -32.40 -24.67
C LEU A 665 7.07 -31.50 -25.40
N PHE A 666 6.19 -30.83 -24.65
CA PHE A 666 5.18 -29.99 -25.27
C PHE A 666 5.81 -28.82 -26.01
N GLY A 667 6.82 -28.18 -25.41
CA GLY A 667 7.48 -27.07 -26.06
C GLY A 667 8.22 -27.48 -27.31
N GLY A 668 8.83 -28.66 -27.31
CA GLY A 668 9.52 -29.13 -28.50
C GLY A 668 8.57 -29.61 -29.57
N VAL A 669 7.33 -29.95 -29.21
CA VAL A 669 6.38 -30.43 -30.19
C VAL A 669 5.61 -29.29 -30.85
N SER A 670 5.21 -28.26 -30.09
CA SER A 670 4.30 -27.26 -30.66
C SER A 670 4.99 -26.22 -31.55
N ILE A 671 6.32 -26.16 -31.55
CA ILE A 671 7.00 -25.08 -32.24
C ILE A 671 6.87 -25.23 -33.76
N ALA A 672 6.86 -26.47 -34.25
CA ALA A 672 6.68 -26.69 -35.69
C ALA A 672 5.30 -26.21 -36.15
N SER A 673 4.27 -26.49 -35.35
CA SER A 673 2.94 -25.99 -35.67
C SER A 673 2.91 -24.47 -35.67
N TRP A 674 3.59 -23.85 -34.71
CA TRP A 674 3.61 -22.38 -34.68
C TRP A 674 4.31 -21.82 -35.91
N ASN A 675 5.43 -22.43 -36.32
CA ASN A 675 6.12 -22.01 -37.54
C ASN A 675 5.20 -22.13 -38.75
N ALA A 676 4.49 -23.26 -38.85
CA ALA A 676 3.60 -23.47 -39.98
C ALA A 676 2.49 -22.44 -40.02
N LEU A 677 1.92 -22.11 -38.85
CA LEU A 677 0.87 -21.10 -38.82
C LEU A 677 1.41 -19.74 -39.23
N ASP A 678 2.62 -19.38 -38.79
CA ASP A 678 3.23 -18.12 -39.20
C ASP A 678 3.38 -18.05 -40.71
N VAL A 679 3.97 -19.08 -41.30
CA VAL A 679 4.21 -19.08 -42.74
C VAL A 679 2.88 -19.03 -43.51
N LEU A 680 1.91 -19.82 -43.08
CA LEU A 680 0.62 -19.85 -43.77
C LEU A 680 -0.10 -18.52 -43.67
N THR A 681 -0.06 -17.88 -42.50
CA THR A 681 -0.68 -16.56 -42.36
C THR A 681 0.01 -15.53 -43.24
N VAL A 682 1.33 -15.61 -43.35
CA VAL A 682 2.04 -14.69 -44.24
C VAL A 682 1.63 -14.91 -45.69
N GLU A 683 1.52 -16.18 -46.12
CA GLU A 683 1.34 -16.48 -47.54
C GLU A 683 -0.11 -16.34 -48.00
N LEU A 684 -1.07 -16.27 -47.09
CA LEU A 684 -2.49 -16.34 -47.44
C LEU A 684 -3.15 -14.98 -47.62
N TYR A 685 -2.40 -13.89 -47.55
CA TYR A 685 -3.04 -12.59 -47.65
C TYR A 685 -2.33 -11.71 -48.68
N PRO A 686 -3.06 -10.83 -49.35
CA PRO A 686 -2.43 -9.91 -50.31
C PRO A 686 -1.56 -8.89 -49.59
N SER A 687 -0.61 -8.34 -50.34
CA SER A 687 0.39 -7.44 -49.75
C SER A 687 -0.21 -6.13 -49.27
N ASP A 688 -1.42 -5.78 -49.70
CA ASP A 688 -2.08 -4.58 -49.21
C ASP A 688 -2.92 -4.83 -47.97
N LYS A 689 -2.96 -6.07 -47.48
CA LYS A 689 -3.70 -6.42 -46.28
C LYS A 689 -2.93 -7.38 -45.38
N ARG A 690 -1.66 -7.63 -45.66
CA ARG A 690 -0.92 -8.66 -44.94
C ARG A 690 -0.73 -8.27 -43.48
N THR A 691 -0.22 -7.05 -43.23
CA THR A 691 0.06 -6.67 -41.86
C THR A 691 -1.22 -6.44 -41.06
N THR A 692 -2.26 -5.92 -41.71
CA THR A 692 -3.53 -5.73 -41.01
C THR A 692 -4.10 -7.05 -40.53
N ALA A 693 -4.20 -8.03 -41.43
CA ALA A 693 -4.72 -9.34 -41.06
C ALA A 693 -3.83 -10.02 -40.03
N PHE A 694 -2.51 -9.96 -40.24
CA PHE A 694 -1.59 -10.60 -39.30
C PHE A 694 -1.70 -9.98 -37.91
N GLY A 695 -1.79 -8.65 -37.83
CA GLY A 695 -1.95 -7.98 -36.56
C GLY A 695 -3.27 -8.26 -35.89
N PHE A 696 -4.36 -8.33 -36.65
CA PHE A 696 -5.63 -8.68 -36.05
C PHE A 696 -5.61 -10.10 -35.49
N LEU A 697 -5.02 -11.04 -36.23
CA LEU A 697 -4.92 -12.41 -35.74
C LEU A 697 -3.98 -12.50 -34.54
N ASN A 698 -2.95 -11.65 -34.49
CA ASN A 698 -2.05 -11.65 -33.34
C ASN A 698 -2.72 -11.05 -32.11
N ALA A 699 -3.57 -10.04 -32.30
CA ALA A 699 -4.36 -9.52 -31.19
C ALA A 699 -5.33 -10.58 -30.68
N LEU A 700 -5.94 -11.34 -31.59
CA LEU A 700 -6.77 -12.46 -31.19
C LEU A 700 -5.95 -13.49 -30.42
N CYS A 701 -4.72 -13.74 -30.86
CA CYS A 701 -3.82 -14.66 -30.16
C CYS A 701 -3.53 -14.19 -28.74
N LYS A 702 -3.30 -12.88 -28.57
CA LYS A 702 -3.02 -12.35 -27.23
C LYS A 702 -4.24 -12.40 -26.34
N LEU A 703 -5.43 -12.13 -26.89
CA LEU A 703 -6.65 -12.26 -26.10
C LEU A 703 -6.87 -13.70 -25.67
N ALA A 704 -6.65 -14.65 -26.57
CA ALA A 704 -6.73 -16.06 -26.22
C ALA A 704 -5.67 -16.43 -25.18
N ALA A 705 -4.51 -15.79 -25.25
CA ALA A 705 -3.48 -16.01 -24.25
C ALA A 705 -3.95 -15.56 -22.87
N VAL A 706 -4.57 -14.39 -22.79
CA VAL A 706 -5.11 -13.91 -21.52
C VAL A 706 -6.14 -14.91 -20.98
N LEU A 707 -7.09 -15.30 -21.82
CA LEU A 707 -8.15 -16.20 -21.38
C LEU A 707 -7.58 -17.55 -20.92
N GLY A 708 -6.68 -18.13 -21.71
CA GLY A 708 -6.11 -19.42 -21.35
C GLY A 708 -5.25 -19.36 -20.11
N ILE A 709 -4.47 -18.30 -19.94
CA ILE A 709 -3.66 -18.16 -18.75
C ILE A 709 -4.55 -18.09 -17.51
N SER A 710 -5.60 -17.26 -17.57
CA SER A 710 -6.51 -17.16 -16.44
C SER A 710 -7.14 -18.52 -16.13
N ILE A 711 -7.67 -19.20 -17.16
CA ILE A 711 -8.39 -20.45 -16.94
C ILE A 711 -7.46 -21.52 -16.38
N PHE A 712 -6.25 -21.63 -16.94
CA PHE A 712 -5.33 -22.68 -16.52
C PHE A 712 -4.70 -22.40 -15.17
N THR A 713 -4.48 -21.13 -14.81
CA THR A 713 -3.99 -20.82 -13.47
C THR A 713 -5.07 -21.00 -12.42
N SER A 714 -6.35 -20.83 -12.78
CA SER A 714 -7.41 -21.07 -11.82
C SER A 714 -7.61 -22.56 -11.56
N PHE A 715 -6.97 -23.43 -12.33
CA PHE A 715 -7.17 -24.88 -12.24
C PHE A 715 -5.99 -25.60 -11.60
N VAL A 716 -5.05 -24.89 -11.00
CA VAL A 716 -3.89 -25.52 -10.37
C VAL A 716 -4.26 -25.98 -8.97
N GLY A 717 -3.92 -27.23 -8.64
CA GLY A 717 -4.20 -27.79 -7.34
C GLY A 717 -5.60 -28.36 -7.17
N ILE A 718 -6.44 -28.30 -8.20
CA ILE A 718 -7.79 -28.84 -8.12
C ILE A 718 -7.82 -30.22 -8.76
N THR A 719 -7.50 -30.27 -10.06
CA THR A 719 -7.47 -31.53 -10.78
C THR A 719 -6.58 -31.39 -12.00
N LYS A 720 -6.12 -32.53 -12.52
CA LYS A 720 -5.31 -32.57 -13.72
C LYS A 720 -6.12 -32.95 -14.95
N ALA A 721 -7.44 -33.08 -14.82
CA ALA A 721 -8.29 -33.44 -15.93
C ALA A 721 -8.80 -32.23 -16.71
N ALA A 722 -9.14 -31.14 -16.02
CA ALA A 722 -9.62 -29.95 -16.72
C ALA A 722 -8.58 -29.35 -17.66
N PRO A 723 -7.32 -29.10 -17.25
CA PRO A 723 -6.36 -28.57 -18.23
C PRO A 723 -6.11 -29.50 -19.39
N ILE A 724 -6.03 -30.81 -19.15
CA ILE A 724 -5.82 -31.76 -20.24
C ILE A 724 -6.99 -31.70 -21.22
N LEU A 725 -8.21 -31.72 -20.69
CA LEU A 725 -9.39 -31.71 -21.55
C LEU A 725 -9.45 -30.43 -22.37
N PHE A 726 -9.24 -29.27 -21.72
CA PHE A 726 -9.30 -28.01 -22.44
C PHE A 726 -8.24 -27.94 -23.53
N ALA A 727 -6.99 -28.27 -23.20
CA ALA A 727 -5.91 -28.20 -24.18
C ALA A 727 -6.15 -29.15 -25.35
N SER A 728 -6.52 -30.40 -25.05
CA SER A 728 -6.72 -31.38 -26.10
C SER A 728 -7.88 -31.00 -27.01
N ALA A 729 -8.99 -30.54 -26.43
CA ALA A 729 -10.14 -30.15 -27.24
C ALA A 729 -9.80 -28.96 -28.13
N ALA A 730 -9.13 -27.94 -27.56
CA ALA A 730 -8.78 -26.77 -28.34
C ALA A 730 -7.83 -27.11 -29.47
N LEU A 731 -6.82 -27.95 -29.19
CA LEU A 731 -5.86 -28.31 -30.22
C LEU A 731 -6.50 -29.18 -31.30
N ALA A 732 -7.39 -30.09 -30.92
CA ALA A 732 -8.09 -30.88 -31.94
C ALA A 732 -8.96 -30.02 -32.83
N LEU A 733 -9.68 -29.06 -32.24
CA LEU A 733 -10.48 -28.14 -33.04
C LEU A 733 -9.59 -27.31 -33.97
N GLY A 734 -8.45 -26.85 -33.46
CA GLY A 734 -7.54 -26.07 -34.29
C GLY A 734 -6.98 -26.86 -35.45
N SER A 735 -6.59 -28.11 -35.20
CA SER A 735 -6.08 -28.94 -36.29
C SER A 735 -7.16 -29.26 -37.30
N SER A 736 -8.39 -29.52 -36.83
CA SER A 736 -9.49 -29.79 -37.76
C SER A 736 -9.78 -28.59 -38.63
N LEU A 737 -9.77 -27.39 -38.04
CA LEU A 737 -9.98 -26.18 -38.84
C LEU A 737 -8.81 -25.91 -39.78
N ALA A 738 -7.58 -26.23 -39.36
CA ALA A 738 -6.42 -25.97 -40.19
C ALA A 738 -6.35 -26.89 -41.39
N LEU A 739 -6.82 -28.14 -41.25
CA LEU A 739 -6.78 -29.06 -42.37
C LEU A 739 -7.67 -28.63 -43.54
N LYS A 740 -8.59 -27.69 -43.32
CA LYS A 740 -9.51 -27.23 -44.36
C LYS A 740 -9.01 -25.98 -45.08
N LEU A 741 -7.80 -25.50 -44.77
CA LEU A 741 -7.19 -24.31 -45.36
C LEU A 741 -6.65 -24.62 -46.75
N PRO A 742 -6.52 -23.60 -47.61
CA PRO A 742 -5.95 -23.84 -48.93
C PRO A 742 -4.44 -24.00 -48.88
N GLU A 743 -3.90 -24.64 -49.91
CA GLU A 743 -2.46 -24.85 -50.04
C GLU A 743 -1.82 -23.66 -50.71
N THR A 744 -0.72 -23.17 -50.13
CA THR A 744 0.00 -22.03 -50.66
C THR A 744 1.41 -22.35 -51.12
N ARG A 745 1.85 -23.60 -51.01
CA ARG A 745 3.19 -23.97 -51.45
C ARG A 745 3.29 -23.90 -52.96
N GLY A 746 4.47 -23.50 -53.45
CA GLY A 746 4.69 -23.40 -54.88
C GLY A 746 3.84 -22.36 -55.57
N GLN A 747 3.68 -21.19 -54.95
CA GLN A 747 2.89 -20.11 -55.52
C GLN A 747 3.65 -18.79 -55.37
N VAL A 748 3.34 -17.85 -56.25
CA VAL A 748 3.89 -16.51 -56.12
C VAL A 748 3.21 -15.81 -54.94
N LEU A 749 3.94 -14.89 -54.32
CA LEU A 749 3.42 -14.15 -53.18
C LEU A 749 2.38 -13.16 -53.67
N GLN A 750 1.12 -13.58 -53.69
CA GLN A 750 0.05 -12.76 -54.22
C GLN A 750 -0.76 -12.21 -53.06
N THR B 6 -26.47 33.63 44.07
CA THR B 6 -27.32 32.79 43.23
C THR B 6 -27.00 31.31 43.42
N SER B 7 -25.92 31.04 44.14
CA SER B 7 -25.47 29.68 44.42
C SER B 7 -25.97 29.25 45.80
N ILE B 8 -26.58 28.07 45.86
CA ILE B 8 -27.15 27.55 47.09
C ILE B 8 -26.18 26.60 47.79
N LEU B 9 -25.47 25.78 47.03
CA LEU B 9 -24.47 24.88 47.58
C LEU B 9 -23.15 25.11 46.87
N SER B 10 -22.08 25.27 47.65
CA SER B 10 -20.74 25.49 47.09
C SER B 10 -19.73 24.86 48.05
N ILE B 11 -19.37 23.62 47.76
CA ILE B 11 -18.42 22.89 48.59
C ILE B 11 -17.00 23.28 48.18
N VAL B 12 -16.26 23.88 49.10
CA VAL B 12 -14.88 24.26 48.86
C VAL B 12 -14.02 23.72 50.00
N TYR B 13 -12.73 23.53 49.72
CA TYR B 13 -11.83 23.06 50.75
C TYR B 13 -11.44 24.20 51.69
N LYS B 14 -11.16 23.84 52.93
CA LYS B 14 -10.74 24.79 53.95
C LYS B 14 -9.76 24.05 54.86
N LYS B 15 -9.54 24.57 56.06
CA LYS B 15 -8.52 23.98 56.92
C LYS B 15 -8.95 22.59 57.37
N ASP B 16 -8.57 21.57 56.59
CA ASP B 16 -8.83 20.17 56.90
C ASP B 16 -10.33 19.87 56.99
N ASP B 17 -11.11 20.46 56.10
CA ASP B 17 -12.56 20.21 56.05
C ASP B 17 -13.11 20.78 54.73
N LEU B 18 -14.40 20.52 54.51
CA LEU B 18 -15.12 21.04 53.36
C LEU B 18 -16.25 21.94 53.85
N ILE B 19 -16.26 23.18 53.38
CA ILE B 19 -17.16 24.22 53.85
C ILE B 19 -18.04 24.69 52.69
N ASP B 20 -19.30 24.96 52.99
CA ASP B 20 -20.25 25.53 52.04
C ASP B 20 -20.07 27.04 51.99
N LEU B 21 -19.75 27.56 50.80
CA LEU B 21 -19.56 28.99 50.65
C LEU B 21 -20.85 29.77 50.78
N SER B 22 -21.96 29.20 50.32
CA SER B 22 -23.23 29.90 50.33
C SER B 22 -23.72 30.13 51.76
N ARG B 23 -24.62 31.10 51.91
CA ARG B 23 -25.12 31.51 53.22
C ARG B 23 -26.26 30.62 53.70
N TYR B 24 -26.05 29.30 53.67
CA TYR B 24 -27.05 28.35 54.14
C TYR B 24 -26.53 27.38 55.19
N GLY B 25 -25.22 27.21 55.31
CA GLY B 25 -24.65 26.36 56.34
C GLY B 25 -25.04 24.91 56.23
N ALA B 26 -24.96 24.35 55.02
CA ALA B 26 -25.28 22.95 54.82
C ALA B 26 -24.31 22.06 55.60
N LYS B 27 -24.86 21.11 56.35
CA LYS B 27 -24.02 20.22 57.15
C LYS B 27 -23.29 19.23 56.25
N ILE B 28 -21.98 19.11 56.44
CA ILE B 28 -21.17 18.23 55.61
C ILE B 28 -20.47 17.23 56.51
N ASN B 29 -20.63 15.94 56.21
CA ASN B 29 -19.91 14.91 56.94
C ASN B 29 -19.17 14.01 55.94
N ILE B 30 -17.98 13.60 56.33
CA ILE B 30 -17.03 12.92 55.45
C ILE B 30 -16.60 11.62 56.11
N GLY B 31 -16.48 10.57 55.30
CA GLY B 31 -15.99 9.30 55.78
C GLY B 31 -14.50 9.33 56.05
N ASP B 32 -14.02 8.22 56.62
CA ASP B 32 -12.62 8.12 57.03
C ASP B 32 -11.68 7.74 55.90
N ARG B 33 -12.20 7.32 54.75
CA ARG B 33 -11.36 6.90 53.63
C ARG B 33 -11.46 7.84 52.43
N VAL B 34 -11.95 9.06 52.63
CA VAL B 34 -11.96 10.06 51.58
C VAL B 34 -10.60 10.75 51.55
N TYR B 35 -10.00 10.82 50.36
CA TYR B 35 -8.63 11.30 50.20
C TYR B 35 -8.61 12.71 49.63
N TYR B 36 -7.42 13.31 49.66
CA TYR B 36 -7.18 14.65 49.13
C TYR B 36 -5.81 14.69 48.48
N ASP B 37 -5.72 15.36 47.34
CA ASP B 37 -4.43 15.51 46.66
C ASP B 37 -3.53 16.45 47.44
N SER B 38 -2.24 16.15 47.45
CA SER B 38 -1.29 16.95 48.23
C SER B 38 -1.19 18.38 47.71
N ILE B 39 -1.11 18.53 46.39
CA ILE B 39 -0.92 19.85 45.79
C ILE B 39 -2.23 20.63 45.71
N ASP B 40 -3.33 19.94 45.40
CA ASP B 40 -4.60 20.59 45.09
C ASP B 40 -5.72 20.05 45.97
N LYS B 41 -5.54 20.11 47.29
CA LYS B 41 -6.43 19.51 48.27
C LYS B 41 -7.91 19.75 47.98
N ASN B 42 -8.22 20.82 47.22
CA ASN B 42 -9.60 21.08 46.84
C ASN B 42 -10.19 20.03 45.91
N GLN B 43 -9.37 19.15 45.34
CA GLN B 43 -9.87 18.01 44.58
C GLN B 43 -10.05 16.82 45.52
N ILE B 44 -11.21 16.18 45.40
CA ILE B 44 -11.64 15.12 46.31
C ILE B 44 -11.63 13.79 45.58
N LYS B 45 -11.02 12.78 46.19
CA LYS B 45 -10.94 11.44 45.61
C LYS B 45 -11.88 10.52 46.36
N LEU B 46 -12.73 9.82 45.62
CA LEU B 46 -13.68 8.86 46.18
C LEU B 46 -13.39 7.49 45.61
N ILE B 47 -13.18 6.50 46.48
CA ILE B 47 -12.85 5.15 46.07
C ILE B 47 -14.08 4.26 46.23
N ASN B 48 -14.01 3.06 45.66
CA ASN B 48 -15.12 2.12 45.68
C ASN B 48 -15.11 1.37 47.02
N LEU B 49 -15.62 2.05 48.04
CA LEU B 49 -15.75 1.47 49.37
C LEU B 49 -16.98 2.07 50.04
N GLU B 50 -17.38 1.49 51.17
CA GLU B 50 -18.55 1.95 51.89
C GLU B 50 -18.25 3.16 52.76
N SER B 51 -17.05 3.22 53.34
CA SER B 51 -16.68 4.34 54.19
C SER B 51 -16.30 5.60 53.41
N SER B 52 -15.89 5.45 52.14
CA SER B 52 -15.54 6.58 51.30
C SER B 52 -16.82 7.27 50.85
N THR B 53 -17.34 8.14 51.72
CA THR B 53 -18.64 8.74 51.54
C THR B 53 -18.60 10.22 51.88
N ILE B 54 -19.46 11.00 51.25
CA ILE B 54 -19.65 12.40 51.58
C ILE B 54 -21.16 12.68 51.62
N GLU B 55 -21.65 13.13 52.78
CA GLU B 55 -23.05 13.51 52.95
C GLU B 55 -23.11 15.02 53.05
N VAL B 56 -24.01 15.65 52.29
CA VAL B 56 -24.28 17.07 52.50
C VAL B 56 -25.77 17.24 52.74
N ILE B 57 -26.12 17.99 53.79
CA ILE B 57 -27.50 18.19 54.21
C ILE B 57 -27.83 19.66 54.07
N LEU B 58 -28.81 19.95 53.22
CA LEU B 58 -29.26 21.32 52.99
C LEU B 58 -30.32 21.69 54.02
N LYS B 59 -30.98 22.83 53.82
CA LYS B 59 -32.05 23.27 54.70
C LYS B 59 -33.41 22.97 54.07
N ASN B 60 -34.42 22.87 54.92
CA ASN B 60 -35.76 22.54 54.44
C ASN B 60 -36.35 23.62 53.54
N ALA B 61 -35.83 24.85 53.61
CA ALA B 61 -36.35 25.94 52.80
C ALA B 61 -35.75 25.97 51.39
N ILE B 62 -34.75 25.14 51.11
CA ILE B 62 -34.10 25.12 49.81
C ILE B 62 -34.18 23.74 49.16
N VAL B 63 -35.01 22.85 49.69
CA VAL B 63 -35.19 21.54 49.10
C VAL B 63 -36.04 21.66 47.85
N TYR B 64 -35.58 21.07 46.74
CA TYR B 64 -36.32 21.11 45.49
C TYR B 64 -37.60 20.29 45.62
N ASN B 65 -38.75 20.96 45.74
CA ASN B 65 -40.02 20.27 45.85
C ASN B 65 -41.07 20.83 44.89
N SER B 66 -40.71 21.78 44.04
CA SER B 66 -41.63 22.40 43.11
C SER B 66 -41.58 21.70 41.76
N MET B 67 -42.44 22.16 40.85
CA MET B 67 -42.54 21.59 39.51
C MET B 67 -42.51 22.59 38.37
N TYR B 68 -42.46 23.90 38.62
CA TYR B 68 -41.96 24.83 37.61
C TYR B 68 -40.56 25.35 37.93
N GLU B 69 -39.93 24.88 39.00
CA GLU B 69 -38.67 25.44 39.46
C GLU B 69 -37.51 24.98 38.57
N ASN B 70 -36.77 25.93 38.01
CA ASN B 70 -35.63 25.64 37.16
C ASN B 70 -34.37 25.54 38.01
N PHE B 71 -33.42 24.70 37.60
CA PHE B 71 -32.23 24.56 38.43
C PHE B 71 -31.06 24.03 37.62
N SER B 72 -29.85 24.29 38.12
CA SER B 72 -28.63 23.88 37.43
C SER B 72 -27.61 23.38 38.44
N THR B 73 -26.73 22.49 37.99
CA THR B 73 -25.61 22.00 38.77
C THR B 73 -24.34 22.10 37.94
N SER B 74 -23.20 22.15 38.63
CA SER B 74 -21.92 22.20 37.94
C SER B 74 -20.84 21.58 38.82
N PHE B 75 -19.87 20.93 38.18
CA PHE B 75 -18.76 20.33 38.90
C PHE B 75 -17.64 19.99 37.92
N TRP B 76 -16.52 19.55 38.47
CA TRP B 76 -15.40 19.02 37.71
C TRP B 76 -15.18 17.58 38.12
N ILE B 77 -15.02 16.70 37.13
CA ILE B 77 -14.87 15.27 37.38
C ILE B 77 -13.70 14.71 36.58
N LYS B 78 -12.99 13.78 37.21
CA LYS B 78 -11.91 13.04 36.58
C LYS B 78 -12.18 11.55 36.78
N ILE B 79 -12.26 10.81 35.66
CA ILE B 79 -12.55 9.38 35.68
C ILE B 79 -11.37 8.63 35.07
N PRO B 80 -10.81 7.66 35.78
CA PRO B 80 -9.71 6.87 35.20
C PRO B 80 -10.15 6.02 34.02
N LYS B 81 -9.19 5.40 33.33
CA LYS B 81 -9.52 4.55 32.20
C LYS B 81 -10.15 3.24 32.67
N TYR B 82 -11.09 2.74 31.88
CA TYR B 82 -11.67 1.43 32.10
C TYR B 82 -10.79 0.39 31.40
N PHE B 83 -10.29 -0.58 32.17
CA PHE B 83 -9.23 -1.44 31.68
C PHE B 83 -9.71 -2.79 31.14
N SER B 84 -10.76 -3.37 31.72
CA SER B 84 -11.18 -4.72 31.35
C SER B 84 -12.69 -4.75 31.20
N LYS B 85 -13.19 -5.92 30.77
CA LYS B 85 -14.60 -6.09 30.42
C LYS B 85 -15.53 -6.08 31.63
N ILE B 86 -15.00 -6.16 32.86
CA ILE B 86 -15.85 -6.10 34.04
C ILE B 86 -16.58 -4.78 34.13
N ASN B 87 -15.98 -3.71 33.60
CA ASN B 87 -16.58 -2.38 33.64
C ASN B 87 -17.71 -2.20 32.63
N LEU B 88 -17.82 -3.10 31.64
CA LEU B 88 -18.87 -2.96 30.63
C LEU B 88 -20.24 -3.24 31.22
N ASN B 89 -21.23 -2.43 30.81
CA ASN B 89 -22.62 -2.58 31.25
C ASN B 89 -22.72 -2.56 32.77
N ASN B 90 -22.08 -1.57 33.38
CA ASN B 90 -21.93 -1.47 34.83
C ASN B 90 -22.26 -0.07 35.31
N GLU B 91 -23.41 0.47 34.90
CA GLU B 91 -23.82 1.80 35.33
C GLU B 91 -23.85 1.92 36.85
N TYR B 92 -23.10 2.87 37.40
CA TYR B 92 -23.03 3.07 38.84
C TYR B 92 -23.24 4.54 39.16
N THR B 93 -24.03 4.80 40.19
CA THR B 93 -24.34 6.16 40.64
C THR B 93 -23.15 6.74 41.39
N ILE B 94 -22.86 8.02 41.13
CA ILE B 94 -21.79 8.70 41.83
C ILE B 94 -22.35 9.81 42.71
N ILE B 95 -23.39 10.51 42.25
CA ILE B 95 -24.04 11.53 43.06
C ILE B 95 -25.54 11.28 43.03
N ASN B 96 -26.15 11.22 44.21
CA ASN B 96 -27.56 10.87 44.34
C ASN B 96 -28.30 11.89 45.18
N CYS B 97 -29.49 12.28 44.72
CA CYS B 97 -30.41 13.11 45.48
C CYS B 97 -31.84 12.60 45.34
N ILE B 98 -32.01 11.28 45.36
CA ILE B 98 -33.28 10.64 45.08
C ILE B 98 -33.80 10.00 46.37
N GLU B 99 -35.02 10.36 46.74
CA GLU B 99 -35.73 9.73 47.85
C GLU B 99 -37.15 9.40 47.43
N ASN B 100 -37.63 8.24 47.89
CA ASN B 100 -38.96 7.76 47.51
C ASN B 100 -39.09 7.65 45.99
N ASN B 101 -38.00 7.24 45.35
CA ASN B 101 -37.93 7.10 43.89
C ASN B 101 -38.30 8.41 43.20
N SER B 102 -37.63 9.49 43.58
CA SER B 102 -37.87 10.80 42.99
C SER B 102 -36.71 11.72 43.31
N GLY B 103 -36.13 12.33 42.30
CA GLY B 103 -35.04 13.27 42.49
C GLY B 103 -34.18 13.37 41.25
N TRP B 104 -32.95 13.83 41.47
CA TRP B 104 -31.96 13.94 40.41
C TRP B 104 -30.72 13.18 40.82
N LYS B 105 -30.01 12.64 39.83
CA LYS B 105 -28.81 11.86 40.10
C LYS B 105 -27.87 11.94 38.91
N VAL B 106 -26.57 11.76 39.17
CA VAL B 106 -25.58 11.63 38.12
C VAL B 106 -24.81 10.33 38.36
N SER B 107 -24.59 9.60 37.27
CA SER B 107 -23.97 8.28 37.31
C SER B 107 -22.97 8.16 36.17
N LEU B 108 -22.14 7.12 36.24
CA LEU B 108 -21.13 6.87 35.23
C LEU B 108 -21.24 5.45 34.72
N ASN B 109 -21.02 5.27 33.43
CA ASN B 109 -20.91 3.97 32.79
C ASN B 109 -19.68 3.98 31.90
N TYR B 110 -19.40 2.85 31.26
CA TYR B 110 -18.24 2.74 30.39
C TYR B 110 -18.31 3.80 29.30
N GLY B 111 -17.45 4.82 29.40
CA GLY B 111 -17.46 5.94 28.47
C GLY B 111 -18.74 6.75 28.45
N GLU B 112 -19.43 6.86 29.59
CA GLU B 112 -20.67 7.63 29.64
C GLU B 112 -20.81 8.35 30.97
N ILE B 113 -21.27 9.60 30.91
CA ILE B 113 -21.70 10.36 32.07
C ILE B 113 -23.18 10.67 31.90
N ILE B 114 -24.00 10.26 32.86
CA ILE B 114 -25.45 10.27 32.72
C ILE B 114 -26.07 11.14 33.81
N TRP B 115 -26.99 12.01 33.42
CA TRP B 115 -27.83 12.78 34.31
C TRP B 115 -29.25 12.24 34.23
N THR B 116 -29.87 11.99 35.38
CA THR B 116 -31.17 11.35 35.45
C THR B 116 -32.11 12.15 36.33
N LEU B 117 -33.33 12.37 35.85
CA LEU B 117 -34.38 13.04 36.58
C LEU B 117 -35.58 12.12 36.72
N GLN B 118 -36.18 12.10 37.91
CA GLN B 118 -37.32 11.23 38.22
C GLN B 118 -38.32 12.01 39.06
N ASP B 119 -39.58 11.98 38.66
CA ASP B 119 -40.64 12.63 39.42
C ASP B 119 -41.39 11.60 40.26
N ASN B 120 -42.48 12.02 40.91
CA ASN B 120 -43.25 11.12 41.76
C ASN B 120 -43.96 10.04 40.96
N LYS B 121 -44.28 10.30 39.69
CA LYS B 121 -44.92 9.32 38.83
C LYS B 121 -43.93 8.34 38.20
N GLN B 122 -42.70 8.30 38.70
CA GLN B 122 -41.65 7.38 38.24
C GLN B 122 -41.38 7.48 36.75
N ASN B 123 -41.42 8.69 36.19
CA ASN B 123 -41.02 8.89 34.81
C ASN B 123 -39.57 9.37 34.75
N ILE B 124 -38.75 8.67 33.97
CA ILE B 124 -37.30 8.89 33.94
C ILE B 124 -36.96 9.71 32.71
N GLN B 125 -36.15 10.75 32.91
CA GLN B 125 -35.55 11.50 31.81
C GLN B 125 -34.04 11.47 31.96
N ARG B 126 -33.35 11.07 30.88
CA ARG B 126 -31.91 10.84 30.93
C ARG B 126 -31.21 11.64 29.85
N VAL B 127 -30.13 12.32 30.25
CA VAL B 127 -29.26 13.04 29.33
C VAL B 127 -27.85 12.46 29.48
N VAL B 128 -27.26 12.03 28.37
CA VAL B 128 -26.02 11.27 28.39
C VAL B 128 -24.95 12.00 27.59
N PHE B 129 -23.72 11.96 28.09
CA PHE B 129 -22.53 12.38 27.36
C PHE B 129 -21.65 11.17 27.16
N LYS B 130 -21.31 10.88 25.91
CA LYS B 130 -20.57 9.68 25.54
C LYS B 130 -19.21 10.08 24.98
N TYR B 131 -18.15 9.45 25.47
CA TYR B 131 -16.81 9.62 24.92
C TYR B 131 -16.21 8.25 24.63
N SER B 132 -15.54 8.14 23.50
CA SER B 132 -15.01 6.87 23.05
C SER B 132 -13.72 6.52 23.79
N GLN B 133 -13.31 5.27 23.64
CA GLN B 133 -12.08 4.79 24.26
C GLN B 133 -11.13 4.17 23.24
N MET B 134 -11.52 4.10 21.97
CA MET B 134 -10.65 3.61 20.91
C MET B 134 -9.86 4.71 20.21
N VAL B 135 -10.01 5.96 20.66
CA VAL B 135 -9.27 7.06 20.04
C VAL B 135 -7.79 6.95 20.37
N ASN B 136 -6.96 7.49 19.47
CA ASN B 136 -5.52 7.49 19.70
C ASN B 136 -5.15 8.33 20.92
N ILE B 137 -5.61 9.57 20.96
CA ILE B 137 -5.40 10.46 22.10
C ILE B 137 -6.75 11.05 22.47
N SER B 138 -7.16 10.85 23.72
CA SER B 138 -8.49 11.23 24.17
C SER B 138 -8.44 12.54 24.94
N ASP B 139 -9.50 13.34 24.79
CA ASP B 139 -9.65 14.57 25.54
C ASP B 139 -10.37 14.39 26.87
N TYR B 140 -10.78 13.15 27.19
CA TYR B 140 -11.66 12.94 28.33
C TYR B 140 -11.15 11.84 29.26
N ILE B 141 -10.38 10.90 28.73
CA ILE B 141 -9.94 9.76 29.53
C ILE B 141 -8.88 10.22 30.53
N ASN B 142 -9.18 10.06 31.82
CA ASN B 142 -8.28 10.38 32.92
C ASN B 142 -7.92 11.86 32.97
N ARG B 143 -8.73 12.72 32.35
CA ARG B 143 -8.50 14.15 32.32
C ARG B 143 -9.68 14.87 32.95
N TRP B 144 -9.41 16.03 33.54
CA TRP B 144 -10.48 16.78 34.20
C TRP B 144 -11.49 17.29 33.18
N ILE B 145 -12.77 17.16 33.53
CA ILE B 145 -13.88 17.53 32.67
C ILE B 145 -14.82 18.42 33.47
N PHE B 146 -15.18 19.57 32.89
CA PHE B 146 -16.14 20.48 33.51
C PHE B 146 -17.54 20.11 33.01
N VAL B 147 -18.38 19.64 33.92
CA VAL B 147 -19.73 19.19 33.59
C VAL B 147 -20.71 20.16 34.22
N THR B 148 -21.57 20.76 33.40
CA THR B 148 -22.64 21.62 33.92
C THR B 148 -23.96 21.25 33.27
N ILE B 149 -24.97 21.04 34.12
CA ILE B 149 -26.27 20.52 33.69
C ILE B 149 -27.33 21.54 34.07
N THR B 150 -28.14 21.93 33.09
CA THR B 150 -29.21 22.90 33.30
C THR B 150 -30.55 22.21 33.07
N ASN B 151 -31.56 22.63 33.84
CA ASN B 151 -32.89 22.01 33.80
C ASN B 151 -33.93 23.13 33.80
N ASN B 152 -34.59 23.28 32.66
CA ASN B 152 -35.72 24.19 32.52
C ASN B 152 -36.98 23.33 32.41
N ARG B 153 -37.86 23.44 33.42
CA ARG B 153 -39.03 22.57 33.49
C ARG B 153 -40.02 22.84 32.37
N LEU B 154 -39.90 23.97 31.67
CA LEU B 154 -40.84 24.31 30.61
C LEU B 154 -40.35 23.94 29.22
N THR B 155 -39.04 23.93 28.97
CA THR B 155 -38.53 23.67 27.63
C THR B 155 -37.74 22.37 27.55
N LYS B 156 -36.65 22.23 28.30
CA LYS B 156 -35.72 21.13 28.08
C LYS B 156 -34.74 21.02 29.26
N SER B 157 -33.95 19.96 29.22
CA SER B 157 -32.83 19.75 30.12
C SER B 157 -31.58 19.48 29.29
N LYS B 158 -30.50 20.22 29.56
CA LYS B 158 -29.32 20.21 28.71
C LYS B 158 -28.07 19.91 29.53
N ILE B 159 -27.08 19.32 28.88
CA ILE B 159 -25.79 19.02 29.48
C ILE B 159 -24.71 19.74 28.68
N TYR B 160 -23.69 20.24 29.38
CA TYR B 160 -22.58 20.96 28.77
C TYR B 160 -21.28 20.36 29.30
N ILE B 161 -20.40 20.01 28.37
CA ILE B 161 -19.07 19.48 28.68
C ILE B 161 -18.06 20.54 28.27
N ASN B 162 -17.33 21.09 29.26
CA ASN B 162 -16.34 22.14 29.03
C ASN B 162 -16.97 23.37 28.39
N GLY B 163 -18.23 23.64 28.75
CA GLY B 163 -18.92 24.82 28.29
C GLY B 163 -19.66 24.71 26.98
N ARG B 164 -19.58 23.56 26.29
CA ARG B 164 -20.25 23.37 25.03
C ARG B 164 -21.36 22.33 25.17
N LEU B 165 -22.47 22.58 24.47
CA LEU B 165 -23.65 21.73 24.58
C LEU B 165 -23.38 20.37 23.92
N ILE B 166 -23.77 19.30 24.60
CA ILE B 166 -23.54 17.94 24.12
C ILE B 166 -24.86 17.26 23.84
N ASP B 167 -25.82 17.41 24.76
CA ASP B 167 -27.10 16.73 24.63
C ASP B 167 -28.18 17.55 25.32
N GLN B 168 -29.40 17.39 24.84
CA GLN B 168 -30.56 18.11 25.36
C GLN B 168 -31.81 17.28 25.11
N LYS B 169 -32.70 17.24 26.10
CA LYS B 169 -33.89 16.39 26.07
C LYS B 169 -35.06 17.10 26.73
N PRO B 170 -36.23 17.12 26.09
CA PRO B 170 -37.39 17.80 26.68
C PRO B 170 -37.85 17.11 27.95
N ILE B 171 -38.33 17.91 28.91
CA ILE B 171 -38.79 17.41 30.20
C ILE B 171 -40.17 17.97 30.51
N SER B 172 -40.84 18.53 29.50
CA SER B 172 -42.16 19.13 29.72
C SER B 172 -43.17 18.09 30.18
N ASN B 173 -42.97 16.82 29.86
CA ASN B 173 -43.89 15.78 30.28
C ASN B 173 -43.77 15.45 31.76
N LEU B 174 -42.59 15.68 32.34
CA LEU B 174 -42.37 15.35 33.75
C LEU B 174 -43.24 16.21 34.64
N GLY B 175 -43.71 15.61 35.74
CA GLY B 175 -44.56 16.31 36.68
C GLY B 175 -43.81 16.96 37.81
N ASN B 176 -44.25 16.73 39.05
CA ASN B 176 -43.62 17.33 40.22
C ASN B 176 -42.44 16.47 40.66
N ILE B 177 -41.27 17.09 40.76
CA ILE B 177 -40.04 16.39 41.11
C ILE B 177 -39.72 16.73 42.56
N HIS B 178 -39.60 15.70 43.39
CA HIS B 178 -39.18 15.85 44.78
C HIS B 178 -37.67 15.63 44.87
N ALA B 179 -37.07 16.16 45.93
CA ALA B 179 -35.64 16.02 46.13
C ALA B 179 -35.37 15.65 47.58
N SER B 180 -34.29 14.90 47.79
CA SER B 180 -33.89 14.48 49.13
C SER B 180 -33.40 15.68 49.94
N ASN B 181 -33.59 15.58 51.26
CA ASN B 181 -32.99 16.56 52.16
C ASN B 181 -31.48 16.46 52.17
N LYS B 182 -30.93 15.35 51.71
CA LYS B 182 -29.51 15.06 51.81
C LYS B 182 -28.97 14.57 50.46
N ILE B 183 -27.81 15.08 50.07
CA ILE B 183 -27.18 14.77 48.80
C ILE B 183 -25.97 13.87 49.04
N MET B 184 -25.79 12.94 48.11
CA MET B 184 -24.86 11.83 48.16
C MET B 184 -23.58 12.13 47.39
N PHE B 185 -22.46 11.63 47.89
CA PHE B 185 -21.22 11.53 47.11
C PHE B 185 -20.57 10.21 47.50
N LYS B 186 -20.87 9.16 46.73
CA LYS B 186 -20.31 7.83 46.96
C LYS B 186 -20.54 6.99 45.72
N LEU B 187 -19.54 6.17 45.36
CA LEU B 187 -19.67 5.23 44.25
C LEU B 187 -20.63 4.12 44.68
N ASP B 188 -21.79 4.06 44.03
CA ASP B 188 -22.85 3.12 44.39
C ASP B 188 -23.15 2.22 43.20
N GLY B 189 -23.09 0.91 43.41
CA GLY B 189 -23.43 -0.04 42.38
C GLY B 189 -22.33 -0.41 41.42
N CYS B 190 -21.08 -0.22 41.80
CA CYS B 190 -19.93 -0.50 40.94
C CYS B 190 -19.39 -1.88 41.28
N ARG B 191 -19.42 -2.80 40.31
CA ARG B 191 -18.88 -4.14 40.53
C ARG B 191 -17.36 -4.15 40.56
N ASP B 192 -16.72 -3.18 39.92
CA ASP B 192 -15.26 -3.10 39.92
C ASP B 192 -14.79 -2.66 41.30
N PRO B 193 -14.00 -3.48 42.01
CA PRO B 193 -13.56 -3.10 43.36
C PRO B 193 -12.39 -2.15 43.39
N ARG B 194 -11.87 -1.75 42.24
CA ARG B 194 -10.68 -0.91 42.15
C ARG B 194 -10.94 0.34 41.33
N ARG B 195 -12.16 0.84 41.35
CA ARG B 195 -12.60 1.97 40.54
C ARG B 195 -12.86 3.16 41.45
N TYR B 196 -12.25 4.31 41.13
CA TYR B 196 -12.38 5.53 41.90
C TYR B 196 -12.70 6.68 40.96
N ILE B 197 -13.11 7.81 41.53
CA ILE B 197 -13.35 9.03 40.78
C ILE B 197 -12.75 10.21 41.54
N MET B 198 -12.62 11.33 40.85
CA MET B 198 -12.24 12.60 41.48
C MET B 198 -13.28 13.66 41.13
N ILE B 199 -13.72 14.40 42.14
CA ILE B 199 -14.68 15.48 41.94
C ILE B 199 -14.15 16.73 42.65
N LYS B 200 -14.48 17.90 42.08
CA LYS B 200 -14.11 19.15 42.71
C LYS B 200 -15.05 20.25 42.24
N TYR B 201 -15.21 21.26 43.09
CA TYR B 201 -15.95 22.49 42.77
C TYR B 201 -17.40 22.18 42.37
N PHE B 202 -18.14 21.64 43.33
CA PHE B 202 -19.55 21.34 43.15
C PHE B 202 -20.38 22.58 43.51
N ASN B 203 -21.23 23.02 42.58
CA ASN B 203 -22.07 24.19 42.76
C ASN B 203 -23.49 23.89 42.29
N LEU B 204 -24.47 24.49 42.97
CA LEU B 204 -25.88 24.34 42.65
C LEU B 204 -26.53 25.71 42.56
N PHE B 205 -27.37 25.90 41.55
CA PHE B 205 -28.06 27.17 41.32
C PHE B 205 -29.54 26.91 41.11
N ASP B 206 -30.37 27.85 41.54
CA ASP B 206 -31.82 27.72 41.48
C ASP B 206 -32.41 28.32 40.21
N LYS B 207 -31.66 28.37 39.13
CA LYS B 207 -32.18 28.82 37.84
C LYS B 207 -31.31 28.28 36.72
N GLU B 208 -31.89 28.22 35.53
CA GLU B 208 -31.22 27.62 34.38
C GLU B 208 -30.16 28.58 33.86
N LEU B 209 -28.92 28.09 33.82
CA LEU B 209 -27.81 28.86 33.25
C LEU B 209 -27.93 28.88 31.73
N ASN B 210 -27.59 30.01 31.13
CA ASN B 210 -27.45 30.07 29.69
C ASN B 210 -25.98 29.93 29.32
N GLU B 211 -25.68 29.98 28.02
CA GLU B 211 -24.33 29.70 27.55
C GLU B 211 -23.33 30.71 28.11
N LYS B 212 -23.74 31.97 28.22
CA LYS B 212 -22.81 33.01 28.68
C LYS B 212 -22.35 32.76 30.11
N GLU B 213 -23.29 32.58 31.03
CA GLU B 213 -22.91 32.37 32.42
C GLU B 213 -22.13 31.07 32.59
N ILE B 214 -22.47 30.05 31.80
CA ILE B 214 -21.72 28.80 31.83
C ILE B 214 -20.27 29.04 31.41
N LYS B 215 -20.06 29.82 30.35
CA LYS B 215 -18.70 30.08 29.90
C LYS B 215 -17.91 30.88 30.93
N ASP B 216 -18.53 31.91 31.52
CA ASP B 216 -17.83 32.66 32.57
C ASP B 216 -17.51 31.79 33.78
N LEU B 217 -18.43 30.90 34.17
CA LEU B 217 -18.12 29.98 35.27
C LEU B 217 -16.96 29.07 34.89
N TYR B 218 -16.93 28.58 33.65
CA TYR B 218 -15.85 27.73 33.18
C TYR B 218 -14.51 28.44 33.28
N ASP B 219 -14.43 29.68 32.78
CA ASP B 219 -13.17 30.41 32.83
C ASP B 219 -12.80 30.77 34.26
N SER B 220 -13.78 31.11 35.09
CA SER B 220 -13.49 31.49 36.47
C SER B 220 -12.92 30.31 37.26
N GLN B 221 -13.45 29.11 37.03
CA GLN B 221 -12.98 27.93 37.74
C GLN B 221 -11.83 27.23 37.05
N SER B 222 -11.39 27.70 35.88
CA SER B 222 -10.34 27.02 35.14
C SER B 222 -8.95 27.28 35.70
N ASN B 223 -8.78 28.34 36.51
CA ASN B 223 -7.47 28.75 37.02
C ASN B 223 -6.50 29.01 35.84
N SER B 224 -6.86 30.01 35.03
CA SER B 224 -6.14 30.27 33.79
C SER B 224 -4.71 30.72 34.03
N GLY B 225 -4.40 31.26 35.21
CA GLY B 225 -3.08 31.76 35.48
C GLY B 225 -2.04 30.72 35.86
N ILE B 226 -2.42 29.45 35.89
CA ILE B 226 -1.52 28.38 36.29
C ILE B 226 -1.42 27.35 35.16
N LEU B 227 -0.21 26.93 34.87
CA LEU B 227 0.02 25.91 33.84
C LEU B 227 -0.58 24.58 34.27
N LYS B 228 -1.07 23.83 33.28
CA LYS B 228 -1.70 22.54 33.52
C LYS B 228 -0.99 21.46 32.71
N ASP B 229 -1.00 20.24 33.23
CA ASP B 229 -0.37 19.11 32.55
C ASP B 229 -1.40 18.43 31.64
N PHE B 230 -1.04 17.25 31.12
CA PHE B 230 -1.94 16.52 30.24
C PHE B 230 -3.22 16.11 30.96
N TRP B 231 -3.12 15.76 32.23
CA TRP B 231 -4.26 15.28 33.01
C TRP B 231 -5.08 16.41 33.61
N GLY B 232 -4.71 17.67 33.38
CA GLY B 232 -5.42 18.79 33.93
C GLY B 232 -4.97 19.23 35.30
N ASN B 233 -3.96 18.57 35.88
CA ASN B 233 -3.44 18.94 37.17
C ASN B 233 -2.41 20.07 37.02
N TYR B 234 -1.95 20.60 38.15
CA TYR B 234 -0.98 21.68 38.14
C TYR B 234 0.36 21.20 37.61
N LEU B 235 1.06 22.09 36.90
CA LEU B 235 2.41 21.81 36.44
C LEU B 235 3.40 22.11 37.57
N GLN B 236 4.40 21.27 37.74
CA GLN B 236 5.31 21.34 38.88
C GLN B 236 6.76 21.28 38.42
N TYR B 237 7.64 21.79 39.28
CA TYR B 237 9.08 21.68 39.05
C TYR B 237 9.60 20.34 39.55
N ASP B 238 10.77 19.96 39.02
CA ASP B 238 11.48 18.76 39.46
C ASP B 238 10.64 17.49 39.29
N LYS B 239 9.83 17.45 38.24
CA LYS B 239 9.04 16.28 37.91
C LYS B 239 9.22 15.98 36.43
N PRO B 240 9.50 14.73 36.07
CA PRO B 240 9.71 14.39 34.64
C PRO B 240 8.37 14.35 33.90
N TYR B 241 8.33 15.02 32.76
CA TYR B 241 7.14 15.05 31.91
C TYR B 241 7.51 14.53 30.52
N TYR B 242 6.65 13.70 29.96
CA TYR B 242 6.76 13.38 28.54
C TYR B 242 6.11 14.50 27.72
N MET B 243 6.59 14.68 26.49
CA MET B 243 6.24 15.83 25.69
C MET B 243 5.32 15.41 24.55
N LEU B 244 4.26 16.19 24.33
CA LEU B 244 3.34 15.95 23.23
C LEU B 244 3.11 17.23 22.44
N ASN B 245 3.24 17.14 21.13
CA ASN B 245 2.91 18.23 20.23
C ASN B 245 1.48 18.09 19.76
N LEU B 246 0.69 19.16 19.90
CA LEU B 246 -0.73 19.08 19.59
C LEU B 246 -0.97 19.00 18.08
N PHE B 247 -0.18 19.73 17.29
CA PHE B 247 -0.36 19.72 15.85
C PHE B 247 0.13 18.39 15.29
N ASP B 248 1.21 17.85 15.84
CA ASP B 248 1.78 16.56 15.41
C ASP B 248 1.83 15.64 16.63
N PRO B 249 0.72 14.99 16.95
CA PRO B 249 0.63 14.17 18.16
C PRO B 249 1.03 12.71 17.99
N ASN B 250 1.50 12.30 16.81
CA ASN B 250 1.89 10.92 16.57
C ASN B 250 3.40 10.72 16.68
N LYS B 251 4.14 11.73 17.13
CA LYS B 251 5.58 11.63 17.29
C LYS B 251 5.98 12.17 18.65
N TYR B 252 7.12 11.69 19.14
CA TYR B 252 7.61 12.03 20.45
C TYR B 252 8.99 12.67 20.34
N VAL B 253 9.32 13.49 21.34
CA VAL B 253 10.60 14.18 21.37
C VAL B 253 11.71 13.16 21.60
N ASP B 254 12.76 13.24 20.79
CA ASP B 254 13.89 12.32 20.91
C ASP B 254 15.17 13.07 20.58
N VAL B 255 16.29 12.51 21.03
CA VAL B 255 17.61 13.05 20.72
C VAL B 255 18.46 11.93 20.12
N ASN B 256 19.48 12.34 19.39
CA ASN B 256 20.40 11.41 18.74
C ASN B 256 21.84 11.58 19.20
N ASN B 257 22.32 12.81 19.30
CA ASN B 257 23.66 13.09 19.76
C ASN B 257 23.60 14.17 20.84
N ILE B 258 24.62 14.16 21.70
CA ILE B 258 24.68 15.10 22.81
C ILE B 258 25.64 16.23 22.43
N GLY B 259 25.20 17.47 22.61
CA GLY B 259 26.00 18.63 22.29
C GLY B 259 25.36 19.49 21.21
N ILE B 260 26.11 20.52 20.82
CA ILE B 260 25.62 21.46 19.82
C ILE B 260 25.48 20.77 18.47
N ARG B 261 26.39 19.84 18.15
CA ARG B 261 26.30 19.11 16.90
C ARG B 261 25.07 18.21 16.84
N GLY B 262 24.42 17.94 17.97
CA GLY B 262 23.24 17.10 18.01
C GLY B 262 21.97 17.93 18.07
N TYR B 263 20.89 17.34 17.57
CA TYR B 263 19.58 17.96 17.55
C TYR B 263 18.55 17.04 18.20
N MET B 264 17.50 17.63 18.76
CA MET B 264 16.33 16.87 19.16
C MET B 264 15.24 17.06 18.12
N TYR B 265 14.53 15.98 17.82
CA TYR B 265 13.55 15.95 16.76
C TYR B 265 12.31 15.21 17.22
N LEU B 266 11.32 15.15 16.33
CA LEU B 266 10.09 14.42 16.57
C LEU B 266 10.18 13.09 15.83
N LYS B 267 10.29 12.00 16.59
CA LYS B 267 10.41 10.67 16.03
C LYS B 267 9.11 9.90 16.22
N GLY B 268 8.70 9.19 15.17
CA GLY B 268 7.47 8.44 15.22
C GLY B 268 7.56 7.15 14.43
N PRO B 269 6.44 6.43 14.35
CA PRO B 269 5.13 6.72 14.94
C PRO B 269 5.05 6.28 16.40
N ARG B 270 4.04 6.73 17.13
CA ARG B 270 3.85 6.29 18.51
C ARG B 270 3.39 4.84 18.56
N GLY B 271 3.59 4.21 19.71
CA GLY B 271 3.10 2.88 19.95
C GLY B 271 1.62 2.88 20.29
N SER B 272 1.15 1.72 20.75
CA SER B 272 -0.26 1.56 21.11
C SER B 272 -0.38 0.66 22.32
N VAL B 273 -1.47 0.89 23.07
CA VAL B 273 -1.89 0.03 24.17
C VAL B 273 -3.29 -0.46 23.88
N VAL B 274 -3.47 -1.78 23.87
CA VAL B 274 -4.69 -2.43 23.41
C VAL B 274 -5.17 -3.42 24.46
N THR B 275 -6.50 -3.57 24.56
CA THR B 275 -7.10 -4.59 25.41
C THR B 275 -8.30 -5.21 24.67
N THR B 276 -8.18 -5.34 23.35
CA THR B 276 -9.11 -6.15 22.56
C THR B 276 -10.57 -5.71 22.74
N ASN B 277 -10.90 -4.52 22.25
CA ASN B 277 -12.24 -3.93 22.28
C ASN B 277 -12.59 -3.34 23.64
N ILE B 278 -11.57 -2.96 24.43
CA ILE B 278 -11.76 -2.14 25.61
C ILE B 278 -11.13 -0.75 25.43
N TYR B 279 -9.89 -0.73 24.93
CA TYR B 279 -9.25 0.52 24.54
C TYR B 279 -8.13 0.22 23.53
N LEU B 280 -7.90 1.17 22.65
CA LEU B 280 -6.87 1.07 21.61
C LEU B 280 -6.09 2.38 21.60
N ASN B 281 -5.62 2.78 22.77
CA ASN B 281 -5.05 4.11 22.91
C ASN B 281 -3.61 4.14 22.38
N SER B 282 -3.09 5.35 22.23
CA SER B 282 -1.71 5.55 21.78
C SER B 282 -0.81 5.70 23.00
N THR B 283 0.39 5.13 22.92
CA THR B 283 1.33 5.17 24.03
C THR B 283 1.74 6.61 24.34
N LEU B 284 1.66 6.98 25.62
CA LEU B 284 1.98 8.33 26.06
C LEU B 284 3.33 8.43 26.76
N TYR B 285 3.97 7.31 27.09
CA TYR B 285 5.23 7.31 27.83
C TYR B 285 6.42 7.05 26.91
N GLU B 286 6.37 7.56 25.68
CA GLU B 286 7.43 7.40 24.71
C GLU B 286 8.22 8.71 24.58
N GLY B 287 9.54 8.58 24.48
CA GLY B 287 10.36 9.75 24.19
C GLY B 287 11.32 10.15 25.29
N THR B 288 11.54 11.46 25.41
CA THR B 288 12.50 12.03 26.34
C THR B 288 11.78 12.92 27.33
N LYS B 289 12.09 12.73 28.62
CA LYS B 289 11.43 13.50 29.67
C LYS B 289 11.97 14.93 29.75
N PHE B 290 11.07 15.87 30.02
CA PHE B 290 11.39 17.29 30.15
C PHE B 290 11.14 17.69 31.60
N ILE B 291 12.23 17.93 32.35
CA ILE B 291 12.10 18.43 33.71
C ILE B 291 12.16 19.95 33.71
N ILE B 292 11.39 20.58 34.59
CA ILE B 292 11.33 22.02 34.71
C ILE B 292 12.07 22.42 35.98
N LYS B 293 13.01 23.36 35.86
CA LYS B 293 13.77 23.86 37.00
C LYS B 293 13.48 25.34 37.19
N LYS B 294 13.12 25.72 38.41
CA LYS B 294 12.83 27.12 38.69
C LYS B 294 14.11 27.94 38.71
N TYR B 295 14.05 29.11 38.09
CA TYR B 295 15.21 30.00 37.99
C TYR B 295 14.96 31.33 38.68
N ALA B 296 13.85 32.01 38.37
CA ALA B 296 13.56 33.32 38.94
C ALA B 296 12.22 33.38 39.65
N SER B 297 11.48 32.27 39.73
CA SER B 297 10.19 32.26 40.40
C SER B 297 10.38 32.33 41.91
N GLY B 298 9.92 33.42 42.52
CA GLY B 298 10.04 33.58 43.95
C GLY B 298 8.99 32.88 44.78
N ASN B 299 8.00 32.26 44.14
CA ASN B 299 6.97 31.54 44.87
C ASN B 299 7.56 30.32 45.56
N GLU B 300 7.11 30.07 46.79
CA GLU B 300 7.65 28.96 47.57
C GLU B 300 7.13 27.62 47.08
N ASP B 301 5.93 27.59 46.50
CA ASP B 301 5.34 26.33 46.07
C ASP B 301 6.02 25.83 44.79
N ASN B 302 5.77 24.56 44.49
CA ASN B 302 6.30 23.95 43.27
C ASN B 302 5.41 24.19 42.06
N ILE B 303 4.30 24.93 42.22
CA ILE B 303 3.36 25.14 41.14
C ILE B 303 3.96 26.12 40.13
N VAL B 304 3.93 25.72 38.85
CA VAL B 304 4.44 26.57 37.77
C VAL B 304 3.33 27.49 37.31
N ARG B 305 3.53 28.79 37.48
CA ARG B 305 2.54 29.80 37.13
C ARG B 305 2.89 30.43 35.79
N ASN B 306 1.99 31.29 35.32
CA ASN B 306 2.19 31.97 34.05
C ASN B 306 3.35 32.95 34.13
N ASN B 307 3.99 33.19 32.99
CA ASN B 307 5.10 34.13 32.83
C ASN B 307 6.31 33.76 33.68
N ASP B 308 6.38 32.53 34.17
CA ASP B 308 7.54 32.10 34.93
C ASP B 308 8.73 31.86 34.00
N ARG B 309 9.92 32.26 34.45
CA ARG B 309 11.15 32.15 33.67
C ARG B 309 11.97 31.01 34.25
N VAL B 310 12.06 29.91 33.53
CA VAL B 310 12.60 28.66 34.06
C VAL B 310 13.67 28.09 33.14
N TYR B 311 14.20 26.91 33.51
CA TYR B 311 15.10 26.15 32.66
C TYR B 311 14.47 24.79 32.40
N ILE B 312 14.85 24.17 31.28
CA ILE B 312 14.30 22.89 30.88
C ILE B 312 15.42 21.86 30.79
N ASN B 313 15.49 20.99 31.78
CA ASN B 313 16.37 19.83 31.72
C ASN B 313 15.74 18.75 30.86
N VAL B 314 16.60 17.93 30.25
CA VAL B 314 16.21 16.91 29.29
C VAL B 314 16.83 15.59 29.73
N VAL B 315 16.01 14.55 29.86
CA VAL B 315 16.46 13.28 30.40
C VAL B 315 16.84 12.39 29.23
N VAL B 316 18.13 12.12 29.07
CA VAL B 316 18.66 11.22 28.06
C VAL B 316 19.45 10.15 28.79
N LYS B 317 19.04 8.89 28.62
CA LYS B 317 19.66 7.74 29.30
C LYS B 317 19.84 8.03 30.79
N ASN B 318 18.71 8.33 31.44
CA ASN B 318 18.61 8.72 32.85
C ASN B 318 19.70 9.70 33.27
N LYS B 319 20.09 10.60 32.38
CA LYS B 319 21.06 11.65 32.67
C LYS B 319 20.46 12.98 32.25
N GLU B 320 20.66 14.01 33.07
CA GLU B 320 20.01 15.30 32.88
C GLU B 320 20.91 16.23 32.09
N TYR B 321 20.38 16.79 31.01
CA TYR B 321 21.01 17.78 30.15
C TYR B 321 20.16 19.05 30.18
N ARG B 322 20.56 20.05 29.40
CA ARG B 322 19.89 21.34 29.41
C ARG B 322 19.49 21.72 27.98
N LEU B 323 18.31 22.34 27.87
CA LEU B 323 17.91 22.99 26.64
C LEU B 323 18.73 24.25 26.40
N ALA B 324 19.29 24.36 25.19
CA ALA B 324 19.96 25.59 24.80
C ALA B 324 20.05 25.62 23.28
N THR B 325 20.22 26.83 22.76
CA THR B 325 20.44 27.03 21.33
C THR B 325 21.43 28.19 21.16
N ASN B 326 22.11 28.19 20.03
CA ASN B 326 23.00 29.30 19.69
C ASN B 326 22.16 30.44 19.13
N ALA B 327 22.13 31.56 19.85
CA ALA B 327 21.28 32.68 19.43
C ALA B 327 21.70 33.19 18.05
N SER B 328 22.96 32.97 17.67
CA SER B 328 23.49 33.44 16.40
C SER B 328 23.74 32.25 15.48
N GLN B 329 22.80 31.97 14.59
CA GLN B 329 23.03 31.09 13.44
C GLN B 329 22.10 31.54 12.32
N ALA B 330 22.13 30.79 11.22
CA ALA B 330 21.35 31.16 10.04
C ALA B 330 19.86 30.97 10.29
N GLY B 331 19.07 31.95 9.88
CA GLY B 331 17.63 31.83 9.95
C GLY B 331 17.05 32.20 11.30
N VAL B 332 15.72 32.32 11.33
CA VAL B 332 14.98 32.61 12.54
C VAL B 332 14.66 31.31 13.25
N GLU B 333 14.27 30.30 12.47
CA GLU B 333 13.94 28.97 12.99
C GLU B 333 15.25 28.19 13.20
N LYS B 334 15.80 28.36 14.39
CA LYS B 334 17.11 27.81 14.72
C LYS B 334 16.99 26.64 15.70
N ILE B 335 17.92 25.70 15.56
CA ILE B 335 17.81 24.38 16.15
C ILE B 335 18.00 24.45 17.67
N LEU B 336 17.22 23.66 18.40
CA LEU B 336 17.41 23.45 19.82
C LEU B 336 18.30 22.23 20.06
N SER B 337 19.00 22.24 21.18
CA SER B 337 19.91 21.15 21.49
C SER B 337 19.91 20.90 22.99
N ALA B 338 20.25 19.67 23.35
CA ALA B 338 20.42 19.25 24.74
C ALA B 338 21.90 19.03 25.00
N LEU B 339 22.42 19.73 26.00
CA LEU B 339 23.86 19.75 26.26
C LEU B 339 24.15 19.62 27.75
N GLU B 340 25.43 19.39 28.07
CA GLU B 340 25.83 19.19 29.46
C GLU B 340 25.57 20.45 30.27
N ILE B 341 25.19 20.27 31.54
CA ILE B 341 24.78 21.35 32.42
C ILE B 341 25.88 22.40 32.57
N PRO B 342 27.13 22.05 32.91
CA PRO B 342 28.12 23.09 33.18
C PRO B 342 28.73 23.73 31.95
N ASP B 343 28.62 23.10 30.77
CA ASP B 343 29.31 23.57 29.58
C ASP B 343 28.45 24.49 28.71
N VAL B 344 27.31 24.93 29.24
CA VAL B 344 26.40 25.75 28.44
C VAL B 344 26.98 27.14 28.20
N GLY B 345 27.56 27.76 29.22
CA GLY B 345 28.10 29.09 29.03
C GLY B 345 26.99 30.12 28.86
N ASN B 346 27.02 30.83 27.73
CA ASN B 346 26.10 31.93 27.47
C ASN B 346 25.07 31.60 26.39
N LEU B 347 24.89 30.32 26.06
CA LEU B 347 23.81 29.93 25.17
C LEU B 347 22.46 30.17 25.84
N SER B 348 21.44 30.42 25.02
CA SER B 348 20.15 30.83 25.52
C SER B 348 19.46 29.67 26.22
N GLN B 349 19.21 29.83 27.53
CA GLN B 349 18.50 28.85 28.31
C GLN B 349 17.09 29.25 28.68
N VAL B 350 16.85 30.53 28.98
CA VAL B 350 15.67 30.92 29.74
C VAL B 350 14.42 30.70 28.89
N VAL B 351 13.43 30.05 29.49
CA VAL B 351 12.16 29.78 28.84
C VAL B 351 11.05 30.40 29.68
N VAL B 352 10.20 31.18 29.03
CA VAL B 352 9.02 31.76 29.67
C VAL B 352 7.84 30.83 29.41
N MET B 353 7.19 30.41 30.50
CA MET B 353 6.01 29.57 30.40
C MET B 353 4.78 30.44 30.16
N LYS B 354 4.00 30.09 29.14
CA LYS B 354 2.80 30.86 28.80
C LYS B 354 1.62 29.90 28.77
N SER B 355 0.54 30.30 29.44
CA SER B 355 -0.69 29.51 29.51
C SER B 355 -1.86 30.26 28.89
N LYS B 356 -2.03 31.54 29.19
CA LYS B 356 -3.10 32.35 28.62
C LYS B 356 -2.50 33.38 27.66
N ASP B 357 -3.32 33.82 26.72
CA ASP B 357 -2.88 34.75 25.68
C ASP B 357 -2.86 36.17 26.24
N ASP B 358 -2.66 37.15 25.34
CA ASP B 358 -2.60 38.54 25.77
C ASP B 358 -3.92 39.01 26.35
N GLN B 359 -5.04 38.62 25.73
CA GLN B 359 -6.36 39.02 26.21
C GLN B 359 -6.78 38.27 27.46
N GLY B 360 -6.06 37.23 27.86
CA GLY B 360 -6.42 36.43 29.01
C GLY B 360 -7.18 35.16 28.70
N ILE B 361 -7.34 34.82 27.42
CA ILE B 361 -8.03 33.60 27.05
C ILE B 361 -7.12 32.41 27.28
N ARG B 362 -7.63 31.41 28.00
CA ARG B 362 -6.83 30.24 28.32
C ARG B 362 -6.51 29.43 27.06
N ASN B 363 -5.24 29.08 26.91
CA ASN B 363 -4.80 28.19 25.84
C ASN B 363 -3.85 27.16 26.45
N LYS B 364 -3.29 26.31 25.60
CA LYS B 364 -2.46 25.22 26.08
C LYS B 364 -1.08 25.75 26.47
N CYS B 365 -0.22 24.84 26.92
CA CYS B 365 1.11 25.22 27.39
C CYS B 365 1.99 25.60 26.20
N LYS B 366 2.65 26.75 26.31
CA LYS B 366 3.63 27.15 25.29
C LYS B 366 4.89 27.68 25.96
N MET B 367 6.00 27.53 25.27
CA MET B 367 7.31 27.89 25.78
C MET B 367 7.94 28.96 24.89
N ASN B 368 8.42 30.04 25.50
CA ASN B 368 9.03 31.14 24.77
C ASN B 368 10.50 31.23 25.18
N LEU B 369 11.38 30.77 24.31
CA LEU B 369 12.82 30.89 24.56
C LEU B 369 13.24 32.34 24.43
N GLN B 370 14.07 32.80 25.38
CA GLN B 370 14.62 34.14 25.40
C GLN B 370 16.07 34.07 25.85
N ASP B 371 16.83 35.12 25.51
CA ASP B 371 18.25 35.17 25.81
C ASP B 371 18.48 35.79 27.19
N ASN B 372 19.75 36.08 27.51
CA ASN B 372 20.07 36.69 28.79
C ASN B 372 19.71 38.17 28.83
N ASN B 373 19.56 38.79 27.66
CA ASN B 373 19.21 40.21 27.57
C ASN B 373 17.70 40.43 27.54
N GLY B 374 16.91 39.38 27.72
CA GLY B 374 15.46 39.52 27.67
C GLY B 374 14.91 39.74 26.28
N ASN B 375 15.63 39.30 25.26
CA ASN B 375 15.18 39.39 23.88
C ASN B 375 14.54 38.07 23.49
N ASP B 376 13.32 38.15 22.95
CA ASP B 376 12.54 36.95 22.66
C ASP B 376 13.16 36.23 21.46
N ILE B 377 13.81 35.10 21.73
CA ILE B 377 14.19 34.20 20.63
C ILE B 377 12.95 33.67 19.93
N GLY B 378 11.92 33.34 20.71
CA GLY B 378 10.62 33.03 20.15
C GLY B 378 10.04 31.75 20.72
N PHE B 379 8.87 31.41 20.20
CA PHE B 379 8.18 30.22 20.69
C PHE B 379 8.86 28.95 20.19
N ILE B 380 8.75 27.90 21.00
CA ILE B 380 9.34 26.60 20.71
C ILE B 380 8.34 25.76 19.92
N GLY B 381 8.80 25.19 18.82
CA GLY B 381 7.99 24.30 18.03
C GLY B 381 8.88 23.40 17.22
N PHE B 382 8.39 22.99 16.06
CA PHE B 382 9.18 22.14 15.17
C PHE B 382 9.10 22.67 13.74
N HIS B 383 10.16 22.40 12.99
CA HIS B 383 10.21 22.71 11.56
C HIS B 383 10.82 21.52 10.83
N LEU B 384 10.36 21.28 9.61
CA LEU B 384 10.80 20.12 8.83
C LEU B 384 12.01 20.51 7.99
N TYR B 385 13.17 19.96 8.34
CA TYR B 385 14.39 20.11 7.57
C TYR B 385 14.72 18.76 6.94
N ASP B 386 14.76 18.73 5.62
CA ASP B 386 14.98 17.53 4.79
C ASP B 386 14.34 16.28 5.41
N ASN B 387 13.03 16.37 5.61
CA ASN B 387 12.15 15.30 6.07
C ASN B 387 12.41 14.89 7.51
N ILE B 388 12.92 15.79 8.34
CA ILE B 388 13.13 15.55 9.77
C ILE B 388 12.48 16.68 10.54
N ALA B 389 11.60 16.34 11.47
CA ALA B 389 10.87 17.34 12.25
C ALA B 389 11.74 17.75 13.42
N LYS B 390 12.48 18.83 13.24
CA LYS B 390 13.50 19.25 14.19
C LYS B 390 12.98 20.38 15.07
N LEU B 391 13.30 20.29 16.37
CA LEU B 391 12.81 21.27 17.34
C LEU B 391 13.53 22.60 17.15
N VAL B 392 12.77 23.68 17.03
CA VAL B 392 13.31 24.99 16.71
C VAL B 392 12.57 26.06 17.52
N ALA B 393 13.28 27.10 17.90
CA ALA B 393 12.68 28.28 18.52
C ALA B 393 12.65 29.40 17.48
N SER B 394 11.49 29.98 17.25
CA SER B 394 11.33 30.98 16.20
C SER B 394 10.32 32.04 16.59
N ASN B 395 10.48 33.22 16.00
CA ASN B 395 9.55 34.32 16.17
C ASN B 395 8.45 34.34 15.12
N TRP B 396 8.43 33.36 14.22
CA TRP B 396 7.35 33.24 13.25
C TRP B 396 6.01 33.04 13.97
N TYR B 397 6.01 32.23 15.03
CA TYR B 397 4.80 32.02 15.81
C TYR B 397 4.32 33.33 16.45
N ASN B 398 5.25 34.14 16.96
CA ASN B 398 4.88 35.43 17.53
C ASN B 398 4.28 36.35 16.47
N ARG B 399 4.85 36.33 15.26
CA ARG B 399 4.30 37.13 14.17
C ARG B 399 2.88 36.69 13.82
N GLN B 400 2.64 35.37 13.77
CA GLN B 400 1.29 34.89 13.50
C GLN B 400 0.32 35.27 14.63
N VAL B 401 0.77 35.20 15.88
CA VAL B 401 -0.08 35.59 17.00
C VAL B 401 -0.44 37.07 16.90
N GLY B 402 0.54 37.91 16.56
CA GLY B 402 0.25 39.33 16.37
C GLY B 402 -0.73 39.58 15.25
N LYS B 403 -0.68 38.76 14.21
CA LYS B 403 -1.61 38.85 13.09
C LYS B 403 -2.88 38.05 13.32
N ALA B 404 -3.04 37.44 14.49
CA ALA B 404 -4.21 36.63 14.83
C ALA B 404 -4.36 35.46 13.85
N SER B 405 -3.24 34.93 13.39
CA SER B 405 -3.24 33.80 12.48
C SER B 405 -3.08 32.49 13.26
N ARG B 406 -3.32 31.38 12.57
CA ARG B 406 -3.27 30.06 13.20
C ARG B 406 -1.82 29.58 13.23
N THR B 407 -1.23 29.57 14.43
CA THR B 407 0.12 29.06 14.58
C THR B 407 0.15 27.55 14.40
N PHE B 408 1.31 27.04 14.01
CA PHE B 408 1.47 25.62 13.67
C PHE B 408 2.64 25.04 14.47
N GLY B 409 2.35 24.45 15.63
CA GLY B 409 3.32 23.67 16.36
C GLY B 409 3.90 24.29 17.61
N CYS B 410 3.44 25.48 18.01
CA CYS B 410 3.97 26.14 19.20
C CYS B 410 3.18 25.80 20.46
N SER B 411 2.36 24.75 20.42
CA SER B 411 1.53 24.35 21.54
C SER B 411 1.95 22.96 22.00
N TRP B 412 2.27 22.83 23.28
CA TRP B 412 2.82 21.60 23.83
C TRP B 412 1.98 21.11 25.01
N GLU B 413 2.17 19.85 25.35
CA GLU B 413 1.45 19.20 26.43
C GLU B 413 2.43 18.37 27.26
N PHE B 414 2.29 18.46 28.58
CA PHE B 414 3.16 17.79 29.53
C PHE B 414 2.43 16.60 30.15
N ILE B 415 2.99 15.41 30.01
CA ILE B 415 2.35 14.17 30.43
C ILE B 415 3.18 13.53 31.53
N PRO B 416 2.78 13.68 32.79
CA PRO B 416 3.39 12.90 33.86
C PRO B 416 2.83 11.49 33.90
N VAL B 417 3.56 10.61 34.59
CA VAL B 417 3.13 9.24 34.77
C VAL B 417 2.01 9.21 35.80
N ASP B 418 0.88 8.61 35.44
CA ASP B 418 -0.31 8.61 36.26
C ASP B 418 -0.83 7.19 36.45
N ASP B 419 -1.44 6.95 37.62
CA ASP B 419 -2.04 5.65 37.89
C ASP B 419 -3.34 5.43 37.14
N GLY B 420 -4.06 6.50 36.81
CA GLY B 420 -5.30 6.38 36.08
C GLY B 420 -5.15 6.00 34.62
N TRP B 421 -3.94 6.10 34.08
CA TRP B 421 -3.65 5.66 32.72
C TRP B 421 -3.17 4.21 32.67
N GLY B 422 -2.29 3.82 33.58
CA GLY B 422 -1.92 2.42 33.72
C GLY B 422 -1.05 1.85 32.62
N GLU B 423 -0.35 2.70 31.87
CA GLU B 423 0.53 2.21 30.82
C GLU B 423 1.85 1.72 31.41
N SER B 424 2.42 0.68 30.81
CA SER B 424 3.67 0.10 31.27
C SER B 424 4.82 0.88 30.64
N SER B 425 5.70 1.41 31.49
CA SER B 425 6.85 2.19 31.03
C SER B 425 8.02 1.27 30.67
C1 NAG C . -4.20 -3.56 33.28
C2 NAG C . -4.88 -4.41 34.35
C3 NAG C . -5.53 -3.51 35.40
C4 NAG C . -4.53 -2.52 35.97
C5 NAG C . -3.87 -1.74 34.82
C6 NAG C . -2.75 -0.83 35.28
C7 NAG C . -5.98 -6.58 34.12
C8 NAG C . -7.05 -7.36 33.40
N2 NAG C . -5.86 -5.31 33.75
O3 NAG C . -6.05 -4.32 36.45
O4 NAG C . -5.21 -1.62 36.85
O5 NAG C . -3.28 -2.66 33.89
O6 NAG C . -1.66 -1.59 35.80
O7 NAG C . -5.28 -7.09 34.98
C1 NAG C . -4.49 -1.48 38.10
C2 NAG C . -5.42 -0.90 39.16
C3 NAG C . -4.67 -0.71 40.47
C4 NAG C . -4.03 -2.03 40.89
C5 NAG C . -3.17 -2.61 39.76
C6 NAG C . -2.64 -3.99 40.07
C7 NAG C . -7.29 0.50 38.41
C8 NAG C . -7.72 1.88 37.97
N2 NAG C . -6.00 0.36 38.72
O3 NAG C . -5.56 -0.25 41.47
O4 NAG C . -3.20 -1.82 42.04
O5 NAG C . -3.95 -2.73 38.56
O6 NAG C . -1.22 -4.01 40.08
O7 NAG C . -8.08 -0.44 38.47
C1 FUC C . -0.44 -1.14 35.19
C2 FUC C . 0.75 -1.56 36.10
C3 FUC C . 0.98 -3.07 36.05
C4 FUC C . 1.15 -3.53 34.60
C5 FUC C . -0.05 -3.09 33.77
C6 FUC C . 0.11 -3.38 32.29
O2 FUC C . 0.57 -1.12 37.44
O3 FUC C . 2.16 -3.41 36.76
O4 FUC C . 2.34 -2.97 34.06
O5 FUC C . -0.29 -1.67 33.87
C1 NAG D . 21.36 -18.55 22.32
C2 NAG D . 22.84 -18.19 22.39
C3 NAG D . 23.66 -19.42 22.78
C4 NAG D . 23.09 -20.04 24.05
C5 NAG D . 21.60 -20.30 23.91
C6 NAG D . 20.96 -20.81 25.19
C7 NAG D . 24.41 -16.93 20.98
C8 NAG D . 24.74 -16.46 19.59
N2 NAG D . 23.31 -17.65 21.11
O3 NAG D . 25.01 -19.05 22.99
O4 NAG D . 23.76 -21.28 24.32
O5 NAG D . 20.93 -19.08 23.57
O6 NAG D . 19.64 -20.30 25.33
O7 NAG D . 25.13 -16.65 21.94
C1 NAG E . -8.89 -22.46 21.14
C2 NAG E . -9.11 -22.03 22.60
C3 NAG E . -10.24 -22.84 23.23
C4 NAG E . -11.50 -22.77 22.36
C5 NAG E . -11.18 -23.15 20.93
C6 NAG E . -12.35 -22.97 19.99
C7 NAG E . -7.68 -21.60 24.56
C8 NAG E . -6.35 -21.87 25.20
N2 NAG E . -7.88 -22.19 23.37
O3 NAG E . -10.53 -22.35 24.53
O4 NAG E . -12.48 -23.65 22.87
O5 NAG E . -10.13 -22.32 20.42
O6 NAG E . -11.93 -22.59 18.69
O7 NAG E . -8.52 -20.87 25.08
O1 UKX F . 3.73 -16.72 -29.79
O2 UKX F . 4.36 -17.91 -33.80
N1 UKX F . 5.40 -17.77 -31.02
C1 UKX F . 4.47 -17.67 -29.97
C2 UKX F . 4.53 -18.91 -29.12
C3 UKX F . 5.67 -19.76 -29.67
C4 UKX F . 6.13 -19.05 -30.96
C5 UKX F . 4.52 -16.92 -33.11
C6 UKX F . 5.64 -16.79 -32.07
C7 UKX F . 6.99 -17.03 -32.79
C8 UKX F . 7.66 -15.75 -33.26
N2 UKX F . 3.64 -15.85 -33.27
#